data_4H1G
#
_entry.id   4H1G
#
_cell.length_a   49.463
_cell.length_b   74.927
_cell.length_c   98.673
_cell.angle_alpha   90.000
_cell.angle_beta   96.440
_cell.angle_gamma   90.000
#
_symmetry.space_group_name_H-M   'P 1 21 1'
#
loop_
_entity.id
_entity.type
_entity.pdbx_description
1 polymer 'Maltose binding protein-CaKar3 motor domain fusion protein'
2 branched alpha-D-glucopyranose-(1-4)-alpha-D-glucopyranose-(1-4)-alpha-D-glucopyranose-(1-4)-alpha-D-glucopyranose
3 non-polymer 'MAGNESIUM ION'
4 non-polymer "ADENOSINE-5'-DIPHOSPHATE"
5 non-polymer 1,2-ETHANEDIOL
6 water water
#
_entity_poly.entity_id   1
_entity_poly.type   'polypeptide(L)'
_entity_poly.pdbx_seq_one_letter_code
;MKIEEGKLVIWINGDKGYNGLAEVGKKFEKDTGIKVTVEHPDKLEEKFPQVAATGDGPDIIFWAHDRFGGYAQSGLLAEI
TPDKAFQDKLYPFTWDAVRYNGKLIAYPIAVEALSLIYNKDLLPNPPKTWEEIPALDKELKAKGKSALMFNLQEPYFTWP
LIAADGGYAFKYENGKYDIKDVGVDNAGAKAGLTFLVDLIKNKHMNADTDYSIAEAAFNKGETAMTINGPWAWSNIDTSK
VNYGVTVLPTFKGQPSKPFVGVLSAGINAASPNKELAKEFLENYLLTDEGLEAVNKDKPLGAVALKSYEEELAKDPRIAA
TMENAQKGEIMPNIPQMSAFWYAVRTAVINAASGRQTVDAALAAAQTNAAALKGNIRVFCRIRNVSSSSSSSSSSSSEDI
IQYEAPQDINDESKQELVITRNINNNFSNLRFLFDKIFEREQSNDLVFEELSQLIQCSLDGTNVCVFAYGQTGSGKTFTM
SHPTNGMIPLSLKKIFNDIEELKEKGWSYTVRGKFIEIYNEAIVDLLNPKIDPNTKYEIKHDDIAGKTTVTNVSTIDIKS
PEQAITILNQANKKRSTAATKSNDHSSRSHSIFIIDLQGYNSLTKESSYGTLNLIDLAGSERLNNSRAEGDRLKETQAIN
KSLSCLGDVIHSLNLKDGSHVPYRNSKLTYLLKHSLGGNSKTLMFVNISPLTKDLNETINSLRFATKVNNTRINK
;
_entity_poly.pdbx_strand_id   A
#
# COMPACT_ATOMS: atom_id res chain seq x y z
N LYS A 2 -25.42 -13.75 8.26
CA LYS A 2 -25.39 -14.37 6.95
C LYS A 2 -26.15 -13.52 5.91
N ILE A 3 -26.13 -13.98 4.67
CA ILE A 3 -26.81 -13.29 3.57
C ILE A 3 -28.22 -13.86 3.42
N GLU A 4 -29.20 -12.98 3.20
CA GLU A 4 -30.60 -13.40 3.13
C GLU A 4 -30.92 -14.13 1.83
N GLU A 5 -31.33 -15.40 1.93
CA GLU A 5 -31.80 -16.12 0.76
C GLU A 5 -33.10 -15.46 0.27
N GLY A 6 -33.27 -15.36 -1.04
CA GLY A 6 -34.48 -14.79 -1.60
C GLY A 6 -34.47 -13.29 -1.84
N LYS A 7 -33.31 -12.66 -1.63
CA LYS A 7 -33.11 -11.25 -1.95
C LYS A 7 -31.78 -11.09 -2.68
N LEU A 8 -31.55 -9.93 -3.28
CA LEU A 8 -30.22 -9.60 -3.78
C LEU A 8 -29.73 -8.31 -3.17
N VAL A 9 -28.54 -8.35 -2.61
CA VAL A 9 -27.88 -7.14 -2.15
C VAL A 9 -26.67 -6.87 -3.02
N ILE A 10 -26.58 -5.65 -3.54
CA ILE A 10 -25.58 -5.29 -4.52
C ILE A 10 -24.73 -4.15 -4.00
N TRP A 11 -23.42 -4.25 -4.17
CA TRP A 11 -22.50 -3.18 -3.82
C TRP A 11 -21.83 -2.62 -5.06
N ILE A 12 -21.84 -1.30 -5.18
CA ILE A 12 -21.19 -0.64 -6.30
C ILE A 12 -20.63 0.69 -5.82
N ASN A 13 -19.59 1.17 -6.48
CA ASN A 13 -18.89 2.36 -5.99
C ASN A 13 -19.74 3.62 -6.13
N GLY A 14 -19.52 4.58 -5.22
CA GLY A 14 -20.30 5.80 -5.19
C GLY A 14 -20.18 6.70 -6.41
N ASP A 15 -19.22 6.44 -7.30
CA ASP A 15 -19.07 7.28 -8.48
C ASP A 15 -19.76 6.73 -9.71
N LYS A 16 -20.37 5.56 -9.57
CA LYS A 16 -21.06 4.91 -10.69
C LYS A 16 -22.55 5.18 -10.60
N GLY A 17 -23.28 4.84 -11.65
CA GLY A 17 -24.70 5.12 -11.72
C GLY A 17 -25.56 4.16 -10.92
N TYR A 18 -25.47 4.21 -9.60
CA TYR A 18 -26.15 3.24 -8.76
C TYR A 18 -27.68 3.43 -8.73
N ASN A 19 -28.15 4.65 -8.99
CA ASN A 19 -29.58 4.89 -9.11
C ASN A 19 -30.13 4.27 -10.38
N GLY A 20 -29.38 4.38 -11.46
CA GLY A 20 -29.71 3.67 -12.67
C GLY A 20 -29.74 2.17 -12.45
N LEU A 21 -28.71 1.66 -11.76
CA LEU A 21 -28.66 0.24 -11.44
C LEU A 21 -29.87 -0.15 -10.60
N ALA A 22 -30.22 0.70 -9.64
CA ALA A 22 -31.42 0.47 -8.81
C ALA A 22 -32.69 0.36 -9.64
N GLU A 23 -32.77 1.13 -10.73
CA GLU A 23 -33.89 0.99 -11.67
C GLU A 23 -33.95 -0.44 -12.25
N VAL A 24 -32.80 -0.99 -12.62
CA VAL A 24 -32.76 -2.35 -13.13
C VAL A 24 -33.27 -3.33 -12.08
N GLY A 25 -32.78 -3.19 -10.85
CA GLY A 25 -33.26 -4.01 -9.75
C GLY A 25 -34.78 -3.93 -9.57
N LYS A 26 -35.34 -2.75 -9.76
CA LYS A 26 -36.79 -2.59 -9.65
C LYS A 26 -37.52 -3.38 -10.73
N LYS A 27 -37.02 -3.37 -11.96
CA LYS A 27 -37.63 -4.19 -13.00
C LYS A 27 -37.49 -5.67 -12.67
N PHE A 28 -36.33 -6.07 -12.16
CA PHE A 28 -36.14 -7.46 -11.75
C PHE A 28 -37.15 -7.83 -10.65
N GLU A 29 -37.30 -6.95 -9.67
CA GLU A 29 -38.26 -7.21 -8.61
C GLU A 29 -39.67 -7.31 -9.18
N LYS A 30 -40.00 -6.40 -10.09
CA LYS A 30 -41.34 -6.38 -10.70
C LYS A 30 -41.69 -7.67 -11.43
N ASP A 31 -40.69 -8.29 -12.07
CA ASP A 31 -40.91 -9.51 -12.84
C ASP A 31 -40.84 -10.77 -11.98
N THR A 32 -39.97 -10.77 -10.97
CA THR A 32 -39.66 -12.01 -10.25
C THR A 32 -40.14 -12.04 -8.80
N GLY A 33 -40.49 -10.88 -8.25
CA GLY A 33 -40.81 -10.79 -6.84
C GLY A 33 -39.58 -10.77 -5.94
N ILE A 34 -38.39 -10.83 -6.54
CA ILE A 34 -37.14 -10.78 -5.77
C ILE A 34 -36.67 -9.36 -5.52
N LYS A 35 -36.67 -8.93 -4.26
CA LYS A 35 -36.24 -7.57 -3.94
C LYS A 35 -34.74 -7.39 -4.19
N VAL A 36 -34.37 -6.24 -4.75
CA VAL A 36 -32.97 -5.95 -5.03
C VAL A 36 -32.59 -4.66 -4.32
N THR A 37 -31.56 -4.72 -3.49
CA THR A 37 -31.11 -3.53 -2.78
C THR A 37 -29.71 -3.13 -3.23
N VAL A 38 -29.59 -1.92 -3.72
CA VAL A 38 -28.30 -1.42 -4.23
C VAL A 38 -27.65 -0.49 -3.21
N GLU A 39 -26.40 -0.79 -2.84
CA GLU A 39 -25.68 0.02 -1.85
C GLU A 39 -24.33 0.50 -2.37
N HIS A 40 -23.88 1.64 -1.86
CA HIS A 40 -22.57 2.17 -2.24
C HIS A 40 -21.74 2.55 -1.02
N PRO A 41 -21.38 1.55 -0.22
CA PRO A 41 -20.59 1.79 0.99
C PRO A 41 -19.19 2.29 0.68
N ASP A 42 -18.66 3.15 1.54
CA ASP A 42 -17.28 3.62 1.41
C ASP A 42 -16.29 2.47 1.49
N LYS A 43 -15.19 2.58 0.74
CA LYS A 43 -14.13 1.58 0.77
C LYS A 43 -14.64 0.15 0.64
N LEU A 44 -15.67 -0.04 -0.19
CA LEU A 44 -16.31 -1.34 -0.33
C LEU A 44 -15.35 -2.38 -0.89
N GLU A 45 -14.32 -1.92 -1.59
CA GLU A 45 -13.37 -2.86 -2.18
C GLU A 45 -12.47 -3.41 -1.07
N GLU A 46 -12.42 -2.70 0.05
CA GLU A 46 -11.70 -3.18 1.23
C GLU A 46 -12.63 -3.92 2.18
N LYS A 47 -13.89 -3.49 2.26
CA LYS A 47 -14.86 -4.16 3.11
C LYS A 47 -15.28 -5.52 2.57
N PHE A 48 -15.38 -5.64 1.25
CA PHE A 48 -15.84 -6.90 0.68
C PHE A 48 -15.01 -8.08 1.18
N PRO A 49 -13.70 -8.04 0.94
CA PRO A 49 -12.83 -9.14 1.38
C PRO A 49 -12.92 -9.36 2.90
N GLN A 50 -13.14 -8.28 3.64
CA GLN A 50 -13.31 -8.37 5.08
C GLN A 50 -14.58 -9.15 5.47
N VAL A 51 -15.74 -8.69 5.01
CA VAL A 51 -17.00 -9.37 5.36
C VAL A 51 -17.19 -10.71 4.65
N ALA A 52 -16.79 -10.80 3.38
CA ALA A 52 -16.95 -12.03 2.62
C ALA A 52 -16.12 -13.18 3.20
N ALA A 53 -15.04 -12.83 3.89
CA ALA A 53 -14.25 -13.84 4.58
C ALA A 53 -15.09 -14.54 5.66
N THR A 54 -16.14 -13.87 6.12
CA THR A 54 -17.03 -14.41 7.15
C THR A 54 -18.21 -15.17 6.55
N GLY A 55 -18.47 -14.93 5.27
CA GLY A 55 -19.67 -15.45 4.63
C GLY A 55 -20.79 -14.42 4.66
N ASP A 56 -20.44 -13.17 4.95
CA ASP A 56 -21.38 -12.05 4.87
C ASP A 56 -21.09 -11.18 3.64
N GLY A 57 -21.73 -10.03 3.56
CA GLY A 57 -21.52 -9.12 2.44
C GLY A 57 -22.62 -9.20 1.40
N PRO A 58 -22.43 -8.52 0.26
CA PRO A 58 -23.45 -8.47 -0.78
C PRO A 58 -23.49 -9.76 -1.58
N ASP A 59 -24.56 -9.99 -2.33
CA ASP A 59 -24.61 -11.12 -3.25
C ASP A 59 -23.75 -10.83 -4.47
N ILE A 60 -23.76 -9.57 -4.89
CA ILE A 60 -23.00 -9.13 -6.05
C ILE A 60 -22.14 -7.90 -5.74
N ILE A 61 -20.89 -7.94 -6.18
CA ILE A 61 -19.95 -6.83 -5.96
C ILE A 61 -19.47 -6.26 -7.31
N PHE A 62 -19.55 -4.95 -7.46
CA PHE A 62 -19.07 -4.26 -8.66
C PHE A 62 -17.74 -3.57 -8.37
N TRP A 63 -16.76 -3.73 -9.26
CA TRP A 63 -15.52 -2.97 -9.19
C TRP A 63 -14.80 -3.15 -10.52
N ALA A 64 -13.76 -2.36 -10.76
CA ALA A 64 -12.90 -2.59 -11.91
C ALA A 64 -12.31 -4.00 -11.79
N HIS A 65 -11.99 -4.61 -12.91
CA HIS A 65 -11.51 -6.00 -12.90
C HIS A 65 -10.21 -6.23 -12.11
N ASP A 66 -9.44 -5.17 -11.85
CA ASP A 66 -8.12 -5.35 -11.23
C ASP A 66 -8.17 -5.97 -9.81
N ARG A 67 -9.26 -5.74 -9.09
CA ARG A 67 -9.38 -6.25 -7.73
C ARG A 67 -9.80 -7.73 -7.64
N PHE A 68 -10.34 -8.27 -8.73
CA PHE A 68 -11.02 -9.56 -8.66
C PHE A 68 -10.08 -10.78 -8.55
N GLY A 69 -8.89 -10.68 -9.11
CA GLY A 69 -7.90 -11.75 -8.94
C GLY A 69 -7.62 -12.04 -7.47
N GLY A 70 -7.41 -10.99 -6.68
CA GLY A 70 -7.26 -11.10 -5.24
C GLY A 70 -8.44 -11.79 -4.57
N TYR A 71 -9.65 -11.36 -4.89
CA TYR A 71 -10.86 -11.97 -4.35
C TYR A 71 -10.93 -13.45 -4.70
N ALA A 72 -10.59 -13.80 -5.94
CA ALA A 72 -10.66 -15.20 -6.38
C ALA A 72 -9.61 -16.05 -5.67
N GLN A 73 -8.40 -15.52 -5.54
CA GLN A 73 -7.32 -16.24 -4.88
C GLN A 73 -7.69 -16.52 -3.43
N SER A 74 -8.48 -15.64 -2.84
CA SER A 74 -8.95 -15.83 -1.47
C SER A 74 -10.24 -16.67 -1.40
N GLY A 75 -10.69 -17.19 -2.53
CA GLY A 75 -11.91 -17.97 -2.59
C GLY A 75 -13.19 -17.21 -2.27
N LEU A 76 -13.20 -15.91 -2.54
CA LEU A 76 -14.34 -15.07 -2.18
C LEU A 76 -15.39 -14.97 -3.29
N LEU A 77 -15.07 -15.48 -4.47
CA LEU A 77 -15.96 -15.35 -5.62
C LEU A 77 -16.41 -16.70 -6.17
N ALA A 78 -17.62 -16.73 -6.71
CA ALA A 78 -18.08 -17.93 -7.39
C ALA A 78 -17.68 -17.85 -8.84
N GLU A 79 -17.34 -19.00 -9.42
CA GLU A 79 -17.13 -19.08 -10.86
C GLU A 79 -18.46 -18.81 -11.55
N ILE A 80 -18.47 -17.91 -12.51
CA ILE A 80 -19.72 -17.61 -13.23
C ILE A 80 -19.92 -18.59 -14.37
N THR A 81 -21.17 -18.83 -14.76
CA THR A 81 -21.47 -19.91 -15.69
C THR A 81 -22.30 -19.51 -16.91
N PRO A 82 -21.86 -18.50 -17.67
CA PRO A 82 -22.61 -18.15 -18.89
C PRO A 82 -22.39 -19.18 -20.00
N ASP A 83 -23.44 -19.51 -20.75
CA ASP A 83 -23.25 -20.42 -21.88
C ASP A 83 -22.65 -19.65 -23.03
N LYS A 84 -22.31 -20.35 -24.11
CA LYS A 84 -21.62 -19.72 -25.23
C LYS A 84 -22.46 -18.71 -25.97
N ALA A 85 -23.78 -18.92 -26.01
CA ALA A 85 -24.67 -17.95 -26.64
C ALA A 85 -24.58 -16.61 -25.93
N PHE A 86 -24.50 -16.64 -24.60
CA PHE A 86 -24.33 -15.40 -23.85
C PHE A 86 -22.94 -14.79 -23.97
N GLN A 87 -21.91 -15.62 -23.91
CA GLN A 87 -20.55 -15.13 -24.07
C GLN A 87 -20.35 -14.41 -25.40
N ASP A 88 -20.93 -14.96 -26.47
CA ASP A 88 -20.87 -14.34 -27.79
C ASP A 88 -21.44 -12.90 -27.83
N LYS A 89 -22.24 -12.55 -26.85
CA LYS A 89 -22.86 -11.21 -26.82
C LYS A 89 -21.90 -10.13 -26.31
N LEU A 90 -20.79 -10.56 -25.70
CA LEU A 90 -19.80 -9.64 -25.13
C LEU A 90 -18.47 -9.77 -25.87
N TYR A 91 -17.75 -8.66 -25.99
CA TYR A 91 -16.44 -8.69 -26.64
C TYR A 91 -15.48 -9.62 -25.91
N PRO A 92 -14.72 -10.42 -26.66
CA PRO A 92 -13.72 -11.34 -26.11
C PRO A 92 -12.69 -10.66 -25.21
N PHE A 93 -12.25 -9.46 -25.57
CA PHE A 93 -11.24 -8.79 -24.75
C PHE A 93 -11.80 -8.39 -23.39
N THR A 94 -13.12 -8.25 -23.27
CA THR A 94 -13.69 -7.97 -21.96
C THR A 94 -13.78 -9.24 -21.12
N TRP A 95 -14.06 -10.38 -21.76
CA TRP A 95 -13.97 -11.66 -21.05
C TRP A 95 -12.54 -11.96 -20.56
N ASP A 96 -11.53 -11.56 -21.33
CA ASP A 96 -10.15 -11.73 -20.88
C ASP A 96 -9.85 -11.01 -19.57
N ALA A 97 -10.47 -9.86 -19.37
CA ALA A 97 -10.22 -9.05 -18.18
C ALA A 97 -10.73 -9.71 -16.90
N VAL A 98 -11.76 -10.55 -17.03
CA VAL A 98 -12.34 -11.20 -15.85
C VAL A 98 -12.02 -12.70 -15.75
N ARG A 99 -10.96 -13.12 -16.43
CA ARG A 99 -10.50 -14.50 -16.35
C ARG A 99 -9.27 -14.57 -15.43
N TYR A 100 -9.32 -15.50 -14.49
CA TYR A 100 -8.25 -15.67 -13.51
C TYR A 100 -7.99 -17.16 -13.29
N ASN A 101 -6.74 -17.58 -13.46
CA ASN A 101 -6.40 -19.00 -13.44
C ASN A 101 -7.31 -19.78 -14.39
N GLY A 102 -7.58 -19.21 -15.56
CA GLY A 102 -8.40 -19.87 -16.56
C GLY A 102 -9.92 -19.86 -16.37
N LYS A 103 -10.38 -19.28 -15.27
CA LYS A 103 -11.82 -19.31 -14.97
C LYS A 103 -12.43 -17.91 -15.02
N LEU A 104 -13.68 -17.82 -15.45
CA LEU A 104 -14.39 -16.54 -15.45
C LEU A 104 -14.88 -16.30 -14.05
N ILE A 105 -14.44 -15.21 -13.45
CA ILE A 105 -14.79 -14.93 -12.06
C ILE A 105 -15.69 -13.69 -11.91
N ALA A 106 -16.10 -13.09 -13.01
CA ALA A 106 -17.03 -11.97 -12.95
C ALA A 106 -17.59 -11.67 -14.33
N TYR A 107 -18.73 -10.96 -14.36
CA TYR A 107 -19.28 -10.47 -15.63
C TYR A 107 -18.69 -9.10 -15.91
N PRO A 108 -18.09 -8.94 -17.10
CA PRO A 108 -17.58 -7.64 -17.55
C PRO A 108 -18.75 -6.74 -17.93
N ILE A 109 -18.68 -5.46 -17.60
CA ILE A 109 -19.78 -4.53 -17.84
C ILE A 109 -19.41 -3.45 -18.85
N ALA A 110 -18.28 -2.77 -18.63
CA ALA A 110 -17.85 -1.67 -19.51
C ALA A 110 -16.38 -1.32 -19.38
N VAL A 111 -15.79 -0.85 -20.48
CA VAL A 111 -14.39 -0.47 -20.50
C VAL A 111 -14.20 1.00 -20.16
N GLU A 112 -13.34 1.27 -19.18
CA GLU A 112 -13.10 2.62 -18.69
C GLU A 112 -11.64 3.01 -18.92
N ALA A 113 -11.42 4.22 -19.39
CA ALA A 113 -10.09 4.82 -19.36
C ALA A 113 -10.23 6.31 -19.13
N LEU A 114 -9.16 6.91 -18.61
CA LEU A 114 -9.06 8.34 -18.44
C LEU A 114 -8.82 9.08 -19.75
N SER A 115 -9.45 10.24 -19.87
CA SER A 115 -9.19 11.15 -20.98
C SER A 115 -8.94 12.56 -20.49
N LEU A 116 -8.39 13.40 -21.37
CA LEU A 116 -8.33 14.83 -21.09
C LEU A 116 -9.69 15.47 -21.39
N ILE A 117 -10.25 16.15 -20.41
CA ILE A 117 -11.51 16.85 -20.61
C ILE A 117 -11.21 18.34 -20.52
N TYR A 118 -11.65 19.10 -21.52
CA TYR A 118 -11.32 20.52 -21.58
C TYR A 118 -12.54 21.41 -21.79
N ASN A 119 -12.45 22.63 -21.30
CA ASN A 119 -13.48 23.65 -21.47
C ASN A 119 -13.30 24.34 -22.82
N LYS A 120 -14.21 24.06 -23.75
CA LYS A 120 -14.12 24.53 -25.13
C LYS A 120 -14.12 26.06 -25.26
N ASP A 121 -14.71 26.75 -24.30
CA ASP A 121 -14.75 28.20 -24.34
C ASP A 121 -13.47 28.82 -23.77
N LEU A 122 -12.89 28.19 -22.75
CA LEU A 122 -11.62 28.68 -22.23
C LEU A 122 -10.46 28.24 -23.12
N LEU A 123 -10.62 27.09 -23.76
CA LEU A 123 -9.49 26.44 -24.42
C LEU A 123 -9.91 25.66 -25.68
N PRO A 124 -10.25 26.39 -26.76
CA PRO A 124 -10.67 25.76 -28.02
C PRO A 124 -9.65 24.74 -28.53
N ASN A 125 -8.36 25.01 -28.35
CA ASN A 125 -7.32 24.08 -28.77
C ASN A 125 -6.49 23.57 -27.59
N PRO A 126 -6.93 22.47 -26.99
CA PRO A 126 -6.20 21.99 -25.81
C PRO A 126 -4.78 21.57 -26.19
N PRO A 127 -3.85 21.59 -25.22
CA PRO A 127 -2.44 21.24 -25.46
C PRO A 127 -2.26 19.77 -25.82
N LYS A 128 -1.38 19.50 -26.79
CA LYS A 128 -1.06 18.13 -27.17
C LYS A 128 -0.03 17.51 -26.24
N THR A 129 0.72 18.36 -25.54
CA THR A 129 1.82 17.90 -24.69
C THR A 129 1.68 18.38 -23.25
N TRP A 130 2.15 17.57 -22.30
CA TRP A 130 2.27 18.02 -20.91
C TRP A 130 3.18 19.24 -20.81
N GLU A 131 4.23 19.27 -21.64
CA GLU A 131 5.25 20.31 -21.53
C GLU A 131 4.72 21.74 -21.72
N GLU A 132 3.65 21.90 -22.50
CA GLU A 132 3.07 23.22 -22.74
C GLU A 132 2.30 23.75 -21.54
N ILE A 133 1.95 22.85 -20.63
CA ILE A 133 1.00 23.21 -19.58
C ILE A 133 1.42 24.38 -18.66
N PRO A 134 2.67 24.36 -18.18
CA PRO A 134 3.09 25.50 -17.34
C PRO A 134 2.85 26.86 -18.00
N ALA A 135 3.17 27.00 -19.28
CA ALA A 135 3.01 28.29 -19.95
C ALA A 135 1.53 28.61 -20.13
N LEU A 136 0.76 27.61 -20.51
CA LEU A 136 -0.69 27.79 -20.64
C LEU A 136 -1.29 28.23 -19.32
N ASP A 137 -0.79 27.67 -18.22
CA ASP A 137 -1.33 28.03 -16.90
C ASP A 137 -1.06 29.49 -16.56
N LYS A 138 0.11 29.98 -16.92
CA LYS A 138 0.44 31.39 -16.68
C LYS A 138 -0.49 32.34 -17.44
N GLU A 139 -0.84 31.96 -18.67
CA GLU A 139 -1.76 32.75 -19.47
C GLU A 139 -3.16 32.77 -18.87
N LEU A 140 -3.64 31.60 -18.46
CA LEU A 140 -4.96 31.49 -17.86
C LEU A 140 -5.05 32.17 -16.51
N LYS A 141 -3.98 32.08 -15.73
CA LYS A 141 -3.93 32.72 -14.41
C LYS A 141 -4.09 34.23 -14.55
N ALA A 142 -3.72 34.77 -15.70
CA ALA A 142 -3.83 36.20 -15.96
C ALA A 142 -5.27 36.60 -16.29
N LYS A 143 -6.15 35.60 -16.42
CA LYS A 143 -7.59 35.84 -16.58
C LYS A 143 -8.33 35.31 -15.36
N GLY A 144 -7.60 35.03 -14.29
CA GLY A 144 -8.20 34.47 -13.09
C GLY A 144 -8.62 33.02 -13.21
N LYS A 145 -8.09 32.31 -14.20
CA LYS A 145 -8.37 30.87 -14.36
C LYS A 145 -7.11 30.03 -14.11
N SER A 146 -7.23 28.71 -14.19
CA SER A 146 -6.05 27.83 -14.18
C SER A 146 -6.13 26.81 -15.30
N ALA A 147 -5.00 26.21 -15.65
CA ALA A 147 -4.96 25.30 -16.80
C ALA A 147 -5.58 23.93 -16.48
N LEU A 148 -5.16 23.33 -15.37
CA LEU A 148 -5.47 21.93 -15.12
C LEU A 148 -5.66 21.60 -13.63
N MET A 149 -6.79 20.96 -13.31
CA MET A 149 -6.97 20.41 -11.99
C MET A 149 -7.54 19.00 -12.08
N PHE A 150 -6.92 18.06 -11.38
CA PHE A 150 -7.40 16.68 -11.33
C PHE A 150 -6.97 16.01 -10.03
N ASN A 151 -7.64 14.90 -9.70
CA ASN A 151 -7.44 14.22 -8.43
C ASN A 151 -6.01 13.74 -8.31
N LEU A 152 -5.28 14.26 -7.30
CA LEU A 152 -3.89 13.88 -7.12
C LEU A 152 -3.70 12.87 -5.98
N GLN A 153 -4.79 12.51 -5.33
CA GLN A 153 -4.73 11.60 -4.19
C GLN A 153 -4.75 10.13 -4.61
N GLU A 154 -5.27 9.83 -5.80
CA GLU A 154 -5.35 8.45 -6.26
C GLU A 154 -4.41 8.18 -7.44
N PRO A 155 -3.50 7.20 -7.27
CA PRO A 155 -2.46 6.93 -8.26
C PRO A 155 -3.04 6.59 -9.63
N TYR A 156 -4.28 6.11 -9.64
CA TYR A 156 -5.00 5.87 -10.90
C TYR A 156 -4.93 7.07 -11.84
N PHE A 157 -5.05 8.29 -11.28
CA PHE A 157 -5.05 9.51 -12.08
C PHE A 157 -3.66 10.00 -12.48
N THR A 158 -2.66 9.76 -11.64
CA THR A 158 -1.29 10.21 -11.94
C THR A 158 -0.47 9.22 -12.76
N TRP A 159 -0.86 7.94 -12.70
CA TRP A 159 -0.12 6.88 -13.39
C TRP A 159 0.12 7.09 -14.90
N PRO A 160 -0.89 7.59 -15.63
CA PRO A 160 -0.71 7.77 -17.08
C PRO A 160 0.52 8.62 -17.42
N LEU A 161 0.81 9.63 -16.62
CA LEU A 161 1.99 10.48 -16.85
C LEU A 161 3.27 9.75 -16.42
N ILE A 162 3.18 9.02 -15.30
CA ILE A 162 4.32 8.30 -14.77
C ILE A 162 4.73 7.17 -15.70
N ALA A 163 3.75 6.59 -16.40
CA ALA A 163 4.00 5.50 -17.33
C ALA A 163 4.49 5.95 -18.71
N ALA A 164 4.16 7.18 -19.09
CA ALA A 164 4.44 7.66 -20.43
C ALA A 164 5.86 7.38 -20.93
N ASP A 165 6.85 7.60 -20.08
CA ASP A 165 8.26 7.52 -20.49
C ASP A 165 8.92 6.21 -20.07
N GLY A 166 8.11 5.25 -19.63
CA GLY A 166 8.67 3.93 -19.36
C GLY A 166 8.26 3.24 -18.07
N GLY A 167 7.56 3.95 -17.19
CA GLY A 167 7.07 3.34 -15.96
C GLY A 167 6.07 2.22 -16.24
N TYR A 168 6.11 1.18 -15.41
CA TYR A 168 5.14 0.10 -15.51
C TYR A 168 4.98 -0.62 -14.17
N ALA A 169 3.89 -1.36 -14.01
CA ALA A 169 3.66 -2.13 -12.81
C ALA A 169 4.44 -3.46 -12.86
N PHE A 170 4.05 -4.34 -13.76
CA PHE A 170 4.70 -5.64 -13.88
C PHE A 170 5.04 -5.95 -15.33
N LYS A 171 6.29 -6.34 -15.57
CA LYS A 171 6.74 -6.71 -16.91
C LYS A 171 5.88 -7.83 -17.45
N TYR A 172 5.41 -7.66 -18.68
CA TYR A 172 4.57 -8.65 -19.35
C TYR A 172 5.36 -9.46 -20.38
N GLU A 173 5.74 -10.68 -20.01
CA GLU A 173 6.50 -11.54 -20.90
C GLU A 173 5.91 -12.94 -20.90
N ASN A 174 5.34 -13.33 -22.04
CA ASN A 174 4.66 -14.61 -22.18
C ASN A 174 3.25 -14.51 -21.65
N GLY A 175 2.75 -15.60 -21.08
CA GLY A 175 1.45 -15.54 -20.44
C GLY A 175 1.51 -14.52 -19.31
N LYS A 176 2.55 -14.65 -18.50
CA LYS A 176 2.56 -14.10 -17.15
C LYS A 176 3.07 -12.67 -16.94
N TYR A 177 2.45 -11.97 -15.99
CA TYR A 177 3.04 -10.78 -15.42
C TYR A 177 4.12 -11.27 -14.45
N ASP A 178 5.31 -10.70 -14.58
CA ASP A 178 6.46 -11.10 -13.77
C ASP A 178 6.50 -10.27 -12.50
N ILE A 179 6.05 -10.84 -11.39
CA ILE A 179 5.96 -10.08 -10.15
C ILE A 179 7.34 -9.76 -9.59
N LYS A 180 8.39 -10.25 -10.22
CA LYS A 180 9.76 -9.93 -9.80
C LYS A 180 10.35 -8.75 -10.59
N ASP A 181 9.66 -8.36 -11.65
CA ASP A 181 10.11 -7.25 -12.50
C ASP A 181 9.13 -6.08 -12.46
N VAL A 182 9.37 -5.16 -11.53
CA VAL A 182 8.51 -3.99 -11.33
C VAL A 182 9.14 -2.73 -11.91
N GLY A 183 8.31 -1.88 -12.51
CA GLY A 183 8.79 -0.67 -13.14
C GLY A 183 8.38 0.62 -12.46
N VAL A 184 8.46 0.65 -11.14
CA VAL A 184 7.97 1.80 -10.39
C VAL A 184 9.06 2.82 -10.12
N ASP A 185 10.30 2.37 -10.01
CA ASP A 185 11.39 3.30 -9.78
C ASP A 185 12.37 3.43 -10.93
N ASN A 186 11.98 2.99 -12.14
CA ASN A 186 12.86 3.13 -13.29
C ASN A 186 12.91 4.58 -13.78
N ALA A 187 13.71 4.84 -14.81
CA ALA A 187 13.94 6.20 -15.31
C ALA A 187 12.68 6.85 -15.88
N GLY A 188 11.82 6.05 -16.49
CA GLY A 188 10.58 6.55 -17.04
C GLY A 188 9.69 7.07 -15.94
N ALA A 189 9.51 6.27 -14.89
CA ALA A 189 8.64 6.62 -13.77
C ALA A 189 9.16 7.85 -13.03
N LYS A 190 10.45 7.90 -12.76
CA LYS A 190 11.05 9.06 -12.11
C LYS A 190 10.82 10.33 -12.93
N ALA A 191 11.06 10.25 -14.23
CA ALA A 191 10.85 11.40 -15.11
C ALA A 191 9.41 11.90 -15.05
N GLY A 192 8.46 10.98 -15.13
CA GLY A 192 7.05 11.37 -15.08
C GLY A 192 6.66 12.00 -13.76
N LEU A 193 7.05 11.36 -12.66
CA LEU A 193 6.67 11.87 -11.36
C LEU A 193 7.36 13.20 -11.10
N THR A 194 8.59 13.34 -11.57
CA THR A 194 9.32 14.60 -11.42
C THR A 194 8.58 15.74 -12.11
N PHE A 195 8.04 15.48 -13.29
CA PHE A 195 7.28 16.51 -14.01
C PHE A 195 6.05 16.90 -13.20
N LEU A 196 5.34 15.91 -12.70
CA LEU A 196 4.15 16.16 -11.88
C LEU A 196 4.50 17.02 -10.65
N VAL A 197 5.56 16.64 -9.97
CA VAL A 197 5.98 17.34 -8.77
C VAL A 197 6.43 18.78 -9.10
N ASP A 198 7.10 18.95 -10.23
CA ASP A 198 7.49 20.28 -10.69
C ASP A 198 6.29 21.20 -10.94
N LEU A 199 5.21 20.64 -11.48
CA LEU A 199 3.98 21.41 -11.67
C LEU A 199 3.51 21.95 -10.33
N ILE A 200 3.61 21.12 -9.29
CA ILE A 200 3.19 21.51 -7.95
C ILE A 200 4.13 22.57 -7.36
N LYS A 201 5.43 22.35 -7.49
CA LYS A 201 6.43 23.31 -7.02
C LYS A 201 6.26 24.65 -7.68
N ASN A 202 5.90 24.64 -8.96
CA ASN A 202 5.71 25.87 -9.71
C ASN A 202 4.31 26.45 -9.59
N LYS A 203 3.49 25.81 -8.75
CA LYS A 203 2.16 26.28 -8.38
C LYS A 203 1.11 26.19 -9.49
N HIS A 204 1.39 25.34 -10.47
CA HIS A 204 0.43 25.08 -11.53
C HIS A 204 -0.63 24.10 -11.06
N MET A 205 -0.31 23.35 -10.01
CA MET A 205 -1.27 22.49 -9.34
C MET A 205 -1.02 22.51 -7.84
N ASN A 206 -1.96 21.94 -7.11
CA ASN A 206 -1.90 21.92 -5.65
C ASN A 206 -1.91 20.49 -5.12
N ALA A 207 -0.88 20.13 -4.37
CA ALA A 207 -0.74 18.77 -3.84
C ALA A 207 -2.01 18.28 -3.12
N ASP A 208 -2.82 19.20 -2.63
CA ASP A 208 -4.01 18.85 -1.86
C ASP A 208 -5.23 18.53 -2.72
N THR A 209 -5.12 18.73 -4.02
CA THR A 209 -6.31 18.61 -4.88
C THR A 209 -6.82 17.15 -4.94
N ASP A 210 -8.12 16.98 -4.70
CA ASP A 210 -8.71 15.65 -4.72
C ASP A 210 -9.86 15.58 -5.72
N TYR A 211 -10.60 14.48 -5.72
CA TYR A 211 -11.67 14.29 -6.71
C TYR A 211 -12.70 15.42 -6.71
N SER A 212 -13.23 15.71 -5.52
CA SER A 212 -14.32 16.68 -5.39
C SER A 212 -13.86 18.09 -5.75
N ILE A 213 -12.67 18.44 -5.28
CA ILE A 213 -12.14 19.76 -5.57
C ILE A 213 -11.97 19.94 -7.07
N ALA A 214 -11.34 18.97 -7.72
CA ALA A 214 -11.10 19.08 -9.16
C ALA A 214 -12.40 19.19 -9.96
N GLU A 215 -13.37 18.36 -9.61
CA GLU A 215 -14.66 18.34 -10.29
C GLU A 215 -15.40 19.68 -10.17
N ALA A 216 -15.50 20.20 -8.95
CA ALA A 216 -16.22 21.46 -8.73
C ALA A 216 -15.55 22.57 -9.52
N ALA A 217 -14.22 22.60 -9.48
CA ALA A 217 -13.43 23.58 -10.22
C ALA A 217 -13.69 23.54 -11.71
N PHE A 218 -13.69 22.34 -12.30
CA PHE A 218 -13.92 22.26 -13.75
C PHE A 218 -15.37 22.56 -14.12
N ASN A 219 -16.30 21.97 -13.37
CA ASN A 219 -17.72 22.13 -13.69
C ASN A 219 -18.21 23.55 -13.41
N LYS A 220 -17.48 24.28 -12.57
CA LYS A 220 -17.76 25.69 -12.28
C LYS A 220 -17.06 26.64 -13.26
N GLY A 221 -16.32 26.08 -14.20
CA GLY A 221 -15.63 26.87 -15.20
C GLY A 221 -14.38 27.58 -14.69
N GLU A 222 -13.83 27.11 -13.58
CA GLU A 222 -12.67 27.76 -12.96
C GLU A 222 -11.33 27.28 -13.49
N THR A 223 -11.26 26.01 -13.91
CA THR A 223 -10.07 25.46 -14.54
C THR A 223 -10.40 25.03 -15.97
N ALA A 224 -9.41 25.12 -16.86
CA ALA A 224 -9.64 24.84 -18.29
C ALA A 224 -9.67 23.36 -18.64
N MET A 225 -9.03 22.55 -17.79
CA MET A 225 -8.89 21.11 -18.05
C MET A 225 -8.99 20.25 -16.79
N THR A 226 -9.38 19.01 -16.97
CA THR A 226 -9.36 18.06 -15.88
C THR A 226 -9.08 16.72 -16.51
N ILE A 227 -8.83 15.71 -15.68
CA ILE A 227 -8.59 14.37 -16.18
C ILE A 227 -9.54 13.48 -15.43
N ASN A 228 -10.41 12.80 -16.16
CA ASN A 228 -11.38 11.93 -15.54
C ASN A 228 -11.92 10.90 -16.51
N GLY A 229 -12.76 10.00 -16.00
CA GLY A 229 -13.34 8.91 -16.77
C GLY A 229 -14.79 9.20 -17.14
N PRO A 230 -15.44 8.27 -17.85
CA PRO A 230 -16.79 8.47 -18.39
C PRO A 230 -17.83 8.76 -17.32
N TRP A 231 -17.67 8.18 -16.14
CA TRP A 231 -18.64 8.36 -15.07
C TRP A 231 -18.82 9.84 -14.71
N ALA A 232 -17.85 10.66 -15.07
CA ALA A 232 -17.88 12.08 -14.67
C ALA A 232 -18.65 12.97 -15.66
N TRP A 233 -18.96 12.47 -16.84
CA TRP A 233 -19.57 13.30 -17.88
C TRP A 233 -20.95 13.88 -17.52
N SER A 234 -21.80 13.11 -16.86
CA SER A 234 -23.15 13.58 -16.61
C SER A 234 -23.18 14.81 -15.70
N ASN A 235 -22.29 14.86 -14.72
CA ASN A 235 -22.20 16.06 -13.87
C ASN A 235 -21.74 17.26 -14.68
N ILE A 236 -20.94 17.03 -15.71
CA ILE A 236 -20.52 18.14 -16.56
C ILE A 236 -21.68 18.55 -17.49
N ASP A 237 -22.47 17.58 -17.91
CA ASP A 237 -23.62 17.86 -18.76
C ASP A 237 -24.57 18.84 -18.07
N THR A 238 -24.86 18.60 -16.79
CA THR A 238 -25.78 19.48 -16.08
C THR A 238 -25.13 20.82 -15.73
N SER A 239 -23.81 20.91 -15.83
CA SER A 239 -23.11 22.18 -15.62
C SER A 239 -23.27 23.04 -16.86
N LYS A 240 -22.77 24.27 -16.79
CA LYS A 240 -22.86 25.22 -17.90
C LYS A 240 -21.70 25.07 -18.89
N VAL A 241 -20.72 24.24 -18.54
CA VAL A 241 -19.49 24.15 -19.30
C VAL A 241 -19.69 23.44 -20.63
N ASN A 242 -19.21 24.04 -21.71
CA ASN A 242 -19.11 23.34 -23.00
C ASN A 242 -17.77 22.58 -23.04
N TYR A 243 -17.83 21.26 -22.97
CA TYR A 243 -16.61 20.51 -22.80
C TYR A 243 -16.35 19.57 -23.96
N GLY A 244 -15.08 19.20 -24.14
CA GLY A 244 -14.69 18.17 -25.08
C GLY A 244 -13.88 17.11 -24.35
N VAL A 245 -13.83 15.93 -24.94
CA VAL A 245 -13.08 14.80 -24.37
C VAL A 245 -12.08 14.34 -25.43
N THR A 246 -10.80 14.32 -25.07
CA THR A 246 -9.77 14.08 -26.07
C THR A 246 -8.58 13.26 -25.55
N VAL A 247 -7.63 13.00 -26.43
CA VAL A 247 -6.45 12.21 -26.10
C VAL A 247 -5.63 12.92 -25.03
N LEU A 248 -5.07 12.17 -24.08
CA LEU A 248 -4.24 12.78 -23.04
C LEU A 248 -3.02 13.44 -23.68
N PRO A 249 -2.39 14.40 -22.98
CA PRO A 249 -1.16 15.02 -23.50
C PRO A 249 -0.02 14.01 -23.56
N THR A 250 0.92 14.22 -24.48
CA THR A 250 2.10 13.38 -24.55
C THR A 250 3.11 13.90 -23.56
N PHE A 251 4.02 13.03 -23.13
CA PHE A 251 5.14 13.43 -22.29
C PHE A 251 6.44 12.95 -22.94
N LYS A 252 7.36 13.89 -23.17
CA LYS A 252 8.60 13.61 -23.89
C LYS A 252 8.30 12.93 -25.21
N GLY A 253 7.26 13.41 -25.89
CA GLY A 253 6.87 12.88 -27.18
C GLY A 253 6.10 11.56 -27.16
N GLN A 254 5.94 10.97 -25.97
CA GLN A 254 5.27 9.67 -25.82
C GLN A 254 3.86 9.85 -25.26
N PRO A 255 2.91 9.01 -25.72
CA PRO A 255 1.53 9.13 -25.21
C PRO A 255 1.43 8.80 -23.73
N SER A 256 0.59 9.53 -23.00
CA SER A 256 0.24 9.10 -21.65
C SER A 256 -0.45 7.75 -21.73
N LYS A 257 -0.17 6.88 -20.76
CA LYS A 257 -0.65 5.51 -20.80
C LYS A 257 -1.51 5.20 -19.62
N PRO A 258 -2.81 5.51 -19.70
CA PRO A 258 -3.70 5.22 -18.58
C PRO A 258 -3.89 3.73 -18.40
N PHE A 259 -4.08 3.30 -17.16
CA PHE A 259 -4.44 1.93 -16.87
C PHE A 259 -5.90 1.73 -17.25
N VAL A 260 -6.17 0.69 -18.05
CA VAL A 260 -7.53 0.44 -18.52
C VAL A 260 -8.28 -0.49 -17.57
N GLY A 261 -9.45 -0.05 -17.14
CA GLY A 261 -10.25 -0.82 -16.20
C GLY A 261 -11.53 -1.31 -16.83
N VAL A 262 -11.92 -2.53 -16.49
CA VAL A 262 -13.21 -3.07 -16.91
C VAL A 262 -14.10 -3.19 -15.69
N LEU A 263 -15.12 -2.34 -15.62
CA LEU A 263 -16.11 -2.43 -14.56
C LEU A 263 -16.70 -3.84 -14.64
N SER A 264 -16.65 -4.57 -13.52
CA SER A 264 -17.04 -5.98 -13.52
C SER A 264 -17.97 -6.28 -12.36
N ALA A 265 -18.77 -7.34 -12.50
CA ALA A 265 -19.70 -7.76 -11.46
C ALA A 265 -19.42 -9.18 -11.02
N GLY A 266 -19.07 -9.35 -9.74
CA GLY A 266 -18.73 -10.65 -9.22
C GLY A 266 -19.80 -11.17 -8.27
N ILE A 267 -19.88 -12.49 -8.15
CA ILE A 267 -20.85 -13.14 -7.28
C ILE A 267 -20.16 -13.68 -6.04
N ASN A 268 -20.68 -13.30 -4.87
CA ASN A 268 -20.14 -13.76 -3.60
C ASN A 268 -20.19 -15.28 -3.46
N ALA A 269 -19.04 -15.88 -3.17
CA ALA A 269 -18.94 -17.33 -3.04
C ALA A 269 -19.87 -17.84 -1.94
N ALA A 270 -20.19 -16.96 -0.99
CA ALA A 270 -21.04 -17.32 0.14
C ALA A 270 -22.53 -17.03 -0.08
N SER A 271 -22.88 -16.45 -1.23
CA SER A 271 -24.29 -16.16 -1.51
C SER A 271 -25.08 -17.45 -1.68
N PRO A 272 -26.29 -17.49 -1.08
CA PRO A 272 -27.22 -18.60 -1.31
C PRO A 272 -28.15 -18.22 -2.45
N ASN A 273 -27.83 -17.13 -3.15
CA ASN A 273 -28.66 -16.60 -4.22
C ASN A 273 -27.96 -16.59 -5.56
N LYS A 274 -27.07 -17.55 -5.80
CA LYS A 274 -26.20 -17.48 -6.97
C LYS A 274 -26.96 -17.56 -8.29
N GLU A 275 -28.01 -18.37 -8.34
CA GLU A 275 -28.74 -18.53 -9.60
C GLU A 275 -29.56 -17.27 -9.92
N LEU A 276 -30.09 -16.64 -8.89
CA LEU A 276 -30.81 -15.37 -9.03
C LEU A 276 -29.88 -14.26 -9.49
N ALA A 277 -28.68 -14.21 -8.91
CA ALA A 277 -27.70 -13.18 -9.27
C ALA A 277 -27.35 -13.30 -10.75
N LYS A 278 -27.19 -14.53 -11.22
CA LYS A 278 -26.93 -14.76 -12.64
C LYS A 278 -28.12 -14.32 -13.51
N GLU A 279 -29.34 -14.61 -13.09
CA GLU A 279 -30.51 -14.20 -13.86
C GLU A 279 -30.55 -12.67 -13.96
N PHE A 280 -30.34 -12.01 -12.83
CA PHE A 280 -30.30 -10.54 -12.82
C PHE A 280 -29.19 -10.01 -13.74
N LEU A 281 -27.98 -10.52 -13.59
CA LEU A 281 -26.85 -10.00 -14.36
C LEU A 281 -26.99 -10.26 -15.85
N GLU A 282 -27.32 -11.50 -16.22
CA GLU A 282 -27.40 -11.89 -17.63
C GLU A 282 -28.68 -11.41 -18.31
N ASN A 283 -29.82 -11.52 -17.62
CA ASN A 283 -31.12 -11.25 -18.26
C ASN A 283 -31.65 -9.83 -18.06
N TYR A 284 -31.08 -9.09 -17.11
CA TYR A 284 -31.56 -7.74 -16.81
C TYR A 284 -30.51 -6.65 -17.00
N LEU A 285 -29.37 -6.77 -16.31
CA LEU A 285 -28.34 -5.76 -16.46
C LEU A 285 -27.71 -5.78 -17.85
N LEU A 286 -27.16 -6.93 -18.23
CA LEU A 286 -26.44 -7.03 -19.50
C LEU A 286 -27.36 -7.12 -20.72
N THR A 287 -28.20 -6.10 -20.89
CA THR A 287 -29.10 -5.98 -22.03
C THR A 287 -29.02 -4.52 -22.48
N ASP A 288 -29.52 -4.21 -23.67
CA ASP A 288 -29.53 -2.84 -24.15
C ASP A 288 -30.21 -1.94 -23.14
N GLU A 289 -31.34 -2.40 -22.61
CA GLU A 289 -32.16 -1.56 -21.73
C GLU A 289 -31.56 -1.44 -20.32
N GLY A 290 -31.04 -2.54 -19.81
CA GLY A 290 -30.33 -2.52 -18.55
C GLY A 290 -29.15 -1.55 -18.56
N LEU A 291 -28.31 -1.66 -19.58
CA LEU A 291 -27.09 -0.83 -19.60
C LEU A 291 -27.44 0.65 -19.79
N GLU A 292 -28.50 0.92 -20.53
CA GLU A 292 -28.91 2.31 -20.76
C GLU A 292 -29.42 2.96 -19.47
N ALA A 293 -30.10 2.18 -18.64
CA ALA A 293 -30.56 2.73 -17.37
C ALA A 293 -29.36 3.21 -16.56
N VAL A 294 -28.31 2.39 -16.53
CA VAL A 294 -27.15 2.72 -15.73
C VAL A 294 -26.38 3.85 -16.41
N ASN A 295 -26.21 3.71 -17.72
CA ASN A 295 -25.50 4.70 -18.52
C ASN A 295 -26.10 6.11 -18.49
N LYS A 296 -27.42 6.21 -18.42
CA LYS A 296 -28.11 7.50 -18.36
C LYS A 296 -27.92 8.17 -16.99
N ASP A 297 -27.63 7.38 -15.97
CA ASP A 297 -27.31 7.92 -14.65
C ASP A 297 -25.86 8.44 -14.64
N LYS A 298 -24.90 7.52 -14.76
CA LYS A 298 -23.51 7.87 -14.96
C LYS A 298 -22.95 7.07 -16.13
N PRO A 299 -22.38 7.74 -17.15
CA PRO A 299 -21.90 6.97 -18.30
C PRO A 299 -20.86 5.90 -17.97
N LEU A 300 -20.97 4.78 -18.66
CA LEU A 300 -20.22 3.58 -18.34
C LEU A 300 -18.91 3.52 -19.12
N GLY A 301 -18.89 4.19 -20.26
CA GLY A 301 -17.76 4.10 -21.17
C GLY A 301 -18.10 3.26 -22.38
N ALA A 302 -17.20 2.35 -22.74
CA ALA A 302 -17.42 1.44 -23.85
C ALA A 302 -17.93 0.11 -23.28
N VAL A 303 -19.23 -0.15 -23.44
CA VAL A 303 -19.84 -1.32 -22.79
C VAL A 303 -19.35 -2.63 -23.41
N ALA A 304 -19.41 -3.69 -22.61
CA ALA A 304 -18.92 -4.99 -23.04
C ALA A 304 -19.92 -5.64 -24.01
N LEU A 305 -21.18 -5.23 -23.92
CA LEU A 305 -22.25 -5.82 -24.71
C LEU A 305 -22.25 -5.27 -26.14
N LYS A 306 -21.92 -6.11 -27.11
CA LYS A 306 -21.70 -5.67 -28.48
C LYS A 306 -22.85 -4.83 -29.04
N SER A 307 -24.09 -5.26 -28.85
CA SER A 307 -25.22 -4.55 -29.44
C SER A 307 -25.26 -3.11 -28.97
N TYR A 308 -25.13 -2.91 -27.66
CA TYR A 308 -25.31 -1.56 -27.11
C TYR A 308 -24.05 -0.75 -27.38
N GLU A 309 -22.90 -1.43 -27.41
CA GLU A 309 -21.64 -0.77 -27.69
C GLU A 309 -21.70 -0.17 -29.10
N GLU A 310 -22.16 -0.97 -30.06
CA GLU A 310 -22.31 -0.48 -31.43
C GLU A 310 -23.25 0.73 -31.48
N GLU A 311 -24.30 0.69 -30.65
CA GLU A 311 -25.27 1.76 -30.62
C GLU A 311 -24.65 3.10 -30.20
N LEU A 312 -23.67 3.06 -29.28
CA LEU A 312 -23.06 4.28 -28.73
C LEU A 312 -21.72 4.65 -29.35
N ALA A 313 -21.26 3.86 -30.32
CA ALA A 313 -19.87 3.92 -30.80
C ALA A 313 -19.48 5.25 -31.45
N LYS A 314 -20.46 5.97 -31.98
CA LYS A 314 -20.14 7.21 -32.68
C LYS A 314 -20.13 8.43 -31.76
N ASP A 315 -20.27 8.18 -30.46
CA ASP A 315 -20.09 9.22 -29.46
C ASP A 315 -18.61 9.59 -29.38
N PRO A 316 -18.26 10.82 -29.75
CA PRO A 316 -16.85 11.23 -29.80
C PRO A 316 -16.15 11.09 -28.45
N ARG A 317 -16.90 11.21 -27.35
CA ARG A 317 -16.32 11.02 -26.02
C ARG A 317 -15.92 9.55 -25.80
N ILE A 318 -16.73 8.63 -26.32
CA ILE A 318 -16.41 7.21 -26.22
C ILE A 318 -15.26 6.86 -27.15
N ALA A 319 -15.25 7.45 -28.35
CA ALA A 319 -14.11 7.27 -29.26
C ALA A 319 -12.81 7.73 -28.58
N ALA A 320 -12.87 8.86 -27.89
CA ALA A 320 -11.69 9.39 -27.20
C ALA A 320 -11.28 8.45 -26.08
N THR A 321 -12.27 7.88 -25.41
CA THR A 321 -12.00 6.93 -24.32
C THR A 321 -11.23 5.71 -24.85
N MET A 322 -11.65 5.18 -25.99
CA MET A 322 -11.01 3.99 -26.53
C MET A 322 -9.64 4.28 -27.16
N GLU A 323 -9.45 5.52 -27.62
CA GLU A 323 -8.15 5.91 -28.13
C GLU A 323 -7.11 5.98 -27.01
N ASN A 324 -7.48 6.60 -25.89
CA ASN A 324 -6.64 6.61 -24.71
C ASN A 324 -6.45 5.17 -24.18
N ALA A 325 -7.50 4.38 -24.27
CA ALA A 325 -7.42 3.00 -23.83
C ALA A 325 -6.37 2.27 -24.66
N GLN A 326 -6.45 2.39 -25.98
CA GLN A 326 -5.53 1.71 -26.87
C GLN A 326 -4.08 2.11 -26.56
N LYS A 327 -3.87 3.37 -26.20
CA LYS A 327 -2.54 3.86 -25.88
C LYS A 327 -2.02 3.39 -24.52
N GLY A 328 -2.94 3.11 -23.60
CA GLY A 328 -2.59 2.58 -22.28
C GLY A 328 -2.49 1.07 -22.24
N GLU A 329 -2.77 0.50 -21.07
CA GLU A 329 -2.66 -0.94 -20.85
C GLU A 329 -3.80 -1.42 -19.99
N ILE A 330 -4.40 -2.56 -20.35
CA ILE A 330 -5.36 -3.22 -19.49
C ILE A 330 -4.66 -3.45 -18.15
N MET A 331 -5.39 -3.27 -17.05
CA MET A 331 -4.83 -3.58 -15.73
C MET A 331 -4.69 -5.09 -15.53
N PRO A 332 -3.58 -5.52 -14.93
CA PRO A 332 -3.48 -6.91 -14.48
C PRO A 332 -4.53 -7.15 -13.40
N ASN A 333 -4.97 -8.38 -13.26
CA ASN A 333 -5.93 -8.72 -12.20
C ASN A 333 -5.31 -9.59 -11.11
N ILE A 334 -3.99 -9.74 -11.15
CA ILE A 334 -3.28 -10.58 -10.19
C ILE A 334 -3.38 -10.00 -8.79
N PRO A 335 -3.37 -10.87 -7.76
CA PRO A 335 -3.50 -10.41 -6.37
C PRO A 335 -2.51 -9.31 -6.04
N GLN A 336 -1.34 -9.33 -6.70
CA GLN A 336 -0.26 -8.37 -6.40
C GLN A 336 -0.57 -6.93 -6.79
N MET A 337 -1.59 -6.73 -7.62
CA MET A 337 -1.95 -5.38 -8.06
C MET A 337 -2.26 -4.43 -6.90
N SER A 338 -2.89 -4.95 -5.85
CA SER A 338 -3.22 -4.09 -4.72
C SER A 338 -1.94 -3.60 -4.02
N ALA A 339 -0.97 -4.49 -3.88
CA ALA A 339 0.34 -4.10 -3.36
C ALA A 339 0.90 -2.97 -4.20
N PHE A 340 0.84 -3.14 -5.52
CA PHE A 340 1.28 -2.10 -6.44
C PHE A 340 0.58 -0.78 -6.17
N TRP A 341 -0.76 -0.82 -6.13
CA TRP A 341 -1.55 0.40 -5.92
C TRP A 341 -1.26 1.09 -4.59
N TYR A 342 -1.23 0.32 -3.49
CA TYR A 342 -0.93 0.92 -2.19
C TYR A 342 0.44 1.56 -2.17
N ALA A 343 1.42 0.89 -2.78
CA ALA A 343 2.79 1.39 -2.81
C ALA A 343 2.89 2.71 -3.58
N VAL A 344 2.30 2.74 -4.77
CA VAL A 344 2.37 3.93 -5.61
C VAL A 344 1.54 5.09 -5.04
N ARG A 345 0.40 4.78 -4.42
CA ARG A 345 -0.39 5.83 -3.77
C ARG A 345 0.47 6.59 -2.77
N THR A 346 1.15 5.84 -1.90
CA THR A 346 2.01 6.43 -0.87
C THR A 346 3.18 7.23 -1.44
N ALA A 347 3.86 6.67 -2.45
CA ALA A 347 4.93 7.39 -3.11
C ALA A 347 4.46 8.74 -3.67
N VAL A 348 3.38 8.72 -4.43
CA VAL A 348 2.93 9.96 -5.07
C VAL A 348 2.56 11.03 -4.05
N ILE A 349 1.82 10.63 -3.01
CA ILE A 349 1.45 11.58 -1.98
C ILE A 349 2.68 12.18 -1.30
N ASN A 350 3.67 11.34 -1.04
CA ASN A 350 4.88 11.78 -0.37
C ASN A 350 5.76 12.72 -1.21
N ALA A 351 5.83 12.45 -2.51
CA ALA A 351 6.62 13.30 -3.40
C ALA A 351 5.88 14.60 -3.66
N ALA A 352 4.59 14.52 -3.90
CA ALA A 352 3.79 15.68 -4.26
C ALA A 352 3.72 16.70 -3.13
N SER A 353 3.74 16.21 -1.88
CA SER A 353 3.63 17.09 -0.72
C SER A 353 4.98 17.66 -0.31
N GLY A 354 6.05 17.19 -0.94
CA GLY A 354 7.39 17.67 -0.61
C GLY A 354 8.05 16.94 0.55
N ARG A 355 7.34 15.99 1.15
CA ARG A 355 7.87 15.25 2.29
C ARG A 355 9.04 14.34 1.92
N GLN A 356 9.07 13.90 0.66
CA GLN A 356 10.13 13.00 0.22
C GLN A 356 10.48 13.28 -1.24
N THR A 357 11.74 13.11 -1.59
CA THR A 357 12.14 13.31 -2.98
C THR A 357 11.44 12.28 -3.85
N VAL A 358 11.33 12.59 -5.13
CA VAL A 358 10.75 11.66 -6.09
C VAL A 358 11.51 10.34 -6.09
N ASP A 359 12.83 10.42 -6.22
CA ASP A 359 13.66 9.23 -6.24
C ASP A 359 13.45 8.37 -5.00
N ALA A 360 13.56 8.98 -3.81
CA ALA A 360 13.42 8.21 -2.58
C ALA A 360 12.01 7.61 -2.43
N ALA A 361 10.99 8.37 -2.83
CA ALA A 361 9.62 7.85 -2.74
C ALA A 361 9.39 6.62 -3.64
N LEU A 362 9.83 6.70 -4.89
CA LEU A 362 9.64 5.59 -5.84
C LEU A 362 10.49 4.38 -5.48
N ALA A 363 11.71 4.63 -5.00
CA ALA A 363 12.58 3.54 -4.53
C ALA A 363 11.87 2.69 -3.49
N ALA A 364 11.21 3.33 -2.54
CA ALA A 364 10.57 2.61 -1.45
C ALA A 364 9.31 1.90 -1.94
N ALA A 365 8.59 2.55 -2.84
CA ALA A 365 7.40 1.92 -3.42
C ALA A 365 7.78 0.71 -4.27
N GLN A 366 8.83 0.84 -5.07
CA GLN A 366 9.33 -0.25 -5.89
C GLN A 366 9.56 -1.51 -5.04
N THR A 367 10.27 -1.34 -3.94
CA THR A 367 10.58 -2.44 -3.04
C THR A 367 9.31 -3.04 -2.43
N ASN A 368 8.38 -2.17 -2.03
CA ASN A 368 7.15 -2.66 -1.44
C ASN A 368 6.30 -3.41 -2.46
N ALA A 369 6.37 -2.98 -3.72
CA ALA A 369 5.52 -3.55 -4.77
C ALA A 369 6.08 -4.82 -5.42
N ALA A 370 7.39 -5.04 -5.29
CA ALA A 370 8.05 -6.17 -5.96
C ALA A 370 8.20 -7.37 -5.03
N ALA A 371 8.21 -8.56 -5.62
CA ALA A 371 8.39 -9.80 -4.85
C ALA A 371 9.87 -10.16 -4.70
N LEU A 372 10.67 -9.17 -4.30
CA LEU A 372 12.09 -9.37 -4.10
C LEU A 372 12.45 -9.44 -2.60
N LYS A 373 13.33 -8.55 -2.15
CA LYS A 373 13.68 -8.49 -0.72
C LYS A 373 12.46 -8.13 0.14
N GLY A 374 11.49 -7.46 -0.47
CA GLY A 374 10.26 -7.11 0.22
C GLY A 374 10.47 -6.03 1.27
N ASN A 375 9.38 -5.65 1.93
N ASN A 375 9.39 -5.62 1.95
CA ASN A 375 9.38 -4.61 2.95
CA ASN A 375 9.50 -4.59 2.98
C ASN A 375 9.69 -5.18 4.34
C ASN A 375 9.39 -5.11 4.41
N ILE A 376 9.30 -6.43 4.56
CA ILE A 376 9.50 -7.06 5.87
C ILE A 376 10.44 -8.25 5.74
N ARG A 377 11.55 -8.18 6.46
CA ARG A 377 12.59 -9.19 6.36
C ARG A 377 12.77 -9.88 7.69
N VAL A 378 12.77 -11.20 7.68
CA VAL A 378 12.88 -11.94 8.92
C VAL A 378 14.10 -12.82 8.94
N PHE A 379 14.94 -12.63 9.95
CA PHE A 379 16.15 -13.43 10.09
C PHE A 379 16.12 -14.23 11.37
N CYS A 380 16.67 -15.43 11.30
CA CYS A 380 16.87 -16.26 12.47
C CYS A 380 18.33 -16.16 12.91
N ARG A 381 18.54 -15.86 14.18
CA ARG A 381 19.90 -15.89 14.69
C ARG A 381 20.06 -16.91 15.81
N ILE A 382 20.82 -17.95 15.52
CA ILE A 382 21.14 -18.97 16.52
C ILE A 382 22.35 -18.51 17.32
N ARG A 383 22.13 -18.24 18.60
CA ARG A 383 23.19 -17.78 19.50
C ARG A 383 24.35 -18.78 19.54
N ASN A 384 25.58 -18.27 19.62
CA ASN A 384 26.76 -19.13 19.65
C ASN A 384 26.86 -19.84 21.00
N VAL A 385 27.20 -21.13 20.96
CA VAL A 385 27.23 -21.94 22.18
C VAL A 385 28.65 -22.28 22.61
N ASP A 399 23.89 -30.39 25.55
CA ASP A 399 23.20 -30.90 24.36
C ASP A 399 22.84 -29.74 23.43
N ILE A 400 23.28 -29.84 22.19
CA ILE A 400 22.93 -28.85 21.18
C ILE A 400 21.91 -29.47 20.22
N ILE A 401 20.88 -28.70 19.88
CA ILE A 401 19.85 -29.19 18.96
C ILE A 401 20.45 -29.60 17.64
N GLN A 402 19.77 -30.48 16.93
CA GLN A 402 20.20 -30.93 15.60
C GLN A 402 19.44 -30.20 14.52
N TYR A 403 20.12 -29.31 13.80
CA TYR A 403 19.47 -28.52 12.77
C TYR A 403 20.34 -28.46 11.52
N GLU A 404 19.68 -28.26 10.39
CA GLU A 404 20.35 -28.00 9.12
C GLU A 404 19.75 -26.73 8.54
N ALA A 405 20.56 -25.96 7.81
CA ALA A 405 20.12 -24.68 7.26
C ALA A 405 20.33 -24.59 5.75
N PRO A 406 19.62 -25.43 5.00
CA PRO A 406 19.64 -25.49 3.53
C PRO A 406 18.91 -24.31 2.86
N GLN A 407 19.31 -23.97 1.64
CA GLN A 407 18.68 -22.88 0.91
C GLN A 407 17.57 -23.37 -0.02
N GLN A 415 15.88 -19.33 2.59
CA GLN A 415 16.62 -20.32 3.37
C GLN A 415 15.74 -21.04 4.41
N GLU A 416 15.96 -22.34 4.56
CA GLU A 416 15.11 -23.18 5.41
C GLU A 416 15.83 -23.63 6.67
N LEU A 417 15.15 -23.51 7.80
CA LEU A 417 15.64 -24.11 9.04
C LEU A 417 14.89 -25.43 9.30
N VAL A 418 15.65 -26.51 9.48
CA VAL A 418 15.05 -27.81 9.76
C VAL A 418 15.52 -28.35 11.10
N ILE A 419 14.62 -28.36 12.09
CA ILE A 419 14.98 -28.86 13.41
C ILE A 419 14.55 -30.32 13.61
N THR A 420 15.51 -31.17 13.93
CA THR A 420 15.22 -32.59 14.12
C THR A 420 15.28 -32.98 15.59
N ARG A 421 14.17 -33.51 16.08
CA ARG A 421 14.07 -33.99 17.45
C ARG A 421 13.93 -35.51 17.42
N ASN A 422 14.55 -36.17 18.39
CA ASN A 422 14.37 -37.61 18.53
C ASN A 422 13.38 -37.88 19.65
N ILE A 423 12.09 -37.80 19.32
CA ILE A 423 11.02 -37.99 20.28
C ILE A 423 10.82 -39.47 20.58
N ASN A 424 11.23 -39.87 21.78
CA ASN A 424 11.23 -41.27 22.20
C ASN A 424 10.09 -42.13 21.64
N ASN A 425 10.36 -42.85 20.55
CA ASN A 425 11.66 -42.80 19.88
C ASN A 425 11.50 -42.66 18.36
N ASN A 426 11.01 -41.50 17.94
CA ASN A 426 10.76 -41.20 16.54
C ASN A 426 11.44 -39.89 16.14
N PHE A 427 11.70 -39.70 14.85
CA PHE A 427 12.41 -38.51 14.37
C PHE A 427 11.46 -37.44 13.84
N SER A 428 11.36 -36.34 14.56
CA SER A 428 10.50 -35.24 14.14
C SER A 428 11.34 -34.16 13.45
N ASN A 429 10.84 -33.66 12.32
CA ASN A 429 11.50 -32.58 11.59
C ASN A 429 10.58 -31.40 11.34
N LEU A 430 10.71 -30.35 12.15
CA LEU A 430 9.93 -29.13 11.93
C LEU A 430 10.70 -28.17 11.02
N ARG A 431 10.03 -27.69 9.97
CA ARG A 431 10.67 -26.81 9.00
C ARG A 431 10.19 -25.36 9.13
N PHE A 432 11.11 -24.41 8.95
CA PHE A 432 10.81 -22.99 9.03
C PHE A 432 11.58 -22.20 7.98
N LEU A 433 10.88 -21.36 7.23
CA LEU A 433 11.49 -20.61 6.13
C LEU A 433 11.82 -19.17 6.54
N PHE A 434 13.10 -18.79 6.44
CA PHE A 434 13.59 -17.45 6.76
C PHE A 434 14.23 -16.80 5.53
N ASP A 435 14.40 -15.48 5.59
CA ASP A 435 15.16 -14.77 4.56
C ASP A 435 16.64 -15.11 4.66
N LYS A 436 17.12 -15.31 5.89
CA LYS A 436 18.49 -15.75 6.14
C LYS A 436 18.62 -16.34 7.54
N ILE A 437 19.60 -17.24 7.71
CA ILE A 437 19.87 -17.83 9.00
C ILE A 437 21.33 -17.62 9.41
N PHE A 438 21.54 -16.93 10.54
CA PHE A 438 22.89 -16.77 11.09
C PHE A 438 23.10 -17.74 12.26
N GLU A 439 24.29 -18.30 12.40
CA GLU A 439 24.51 -19.30 13.45
C GLU A 439 25.79 -19.16 14.27
N ARG A 440 26.72 -20.09 14.10
CA ARG A 440 27.88 -20.20 14.98
C ARG A 440 29.00 -19.21 14.65
N GLU A 441 29.15 -18.20 15.49
CA GLU A 441 30.30 -17.30 15.40
C GLU A 441 30.20 -16.26 14.28
N GLN A 442 29.17 -16.36 13.45
CA GLN A 442 28.92 -15.30 12.48
C GLN A 442 28.67 -13.99 13.22
N SER A 443 29.54 -13.00 12.98
CA SER A 443 29.64 -11.81 13.82
C SER A 443 28.52 -10.80 13.62
N ASN A 444 28.40 -9.89 14.58
CA ASN A 444 27.48 -8.76 14.49
C ASN A 444 27.74 -7.90 13.24
N ASP A 445 29.00 -7.82 12.82
CA ASP A 445 29.35 -7.05 11.64
C ASP A 445 28.77 -7.69 10.37
N LEU A 446 28.68 -9.00 10.37
CA LEU A 446 28.12 -9.71 9.21
C LEU A 446 26.60 -9.57 9.18
N VAL A 447 25.98 -9.69 10.35
CA VAL A 447 24.55 -9.50 10.48
C VAL A 447 24.16 -8.08 10.06
N PHE A 448 24.95 -7.11 10.47
CA PHE A 448 24.63 -5.71 10.19
C PHE A 448 24.63 -5.38 8.69
N GLU A 449 25.27 -6.21 7.89
CA GLU A 449 25.26 -6.00 6.44
C GLU A 449 23.84 -6.01 5.86
N GLU A 450 22.90 -6.61 6.58
CA GLU A 450 21.51 -6.67 6.13
C GLU A 450 20.76 -5.39 6.52
N LEU A 451 21.25 -4.73 7.56
CA LEU A 451 20.62 -3.51 8.04
C LEU A 451 21.28 -2.31 7.39
N SER A 452 22.50 -2.52 6.91
CA SER A 452 23.37 -1.43 6.49
C SER A 452 22.75 -0.55 5.41
N GLN A 453 22.11 -1.17 4.42
CA GLN A 453 21.55 -0.42 3.30
C GLN A 453 20.24 0.27 3.69
N LEU A 454 19.62 -0.19 4.78
CA LEU A 454 18.40 0.42 5.28
C LEU A 454 18.65 1.78 5.93
N ILE A 455 19.89 2.02 6.36
CA ILE A 455 20.25 3.31 6.92
C ILE A 455 20.04 4.42 5.89
N GLN A 456 20.43 4.17 4.64
CA GLN A 456 20.24 5.16 3.58
C GLN A 456 18.75 5.43 3.37
N CYS A 457 17.93 4.40 3.59
CA CYS A 457 16.48 4.57 3.50
C CYS A 457 16.01 5.61 4.49
N SER A 458 16.51 5.52 5.72
CA SER A 458 16.09 6.46 6.75
C SER A 458 16.53 7.87 6.42
N LEU A 459 17.77 8.00 5.95
CA LEU A 459 18.27 9.31 5.57
C LEU A 459 17.43 9.91 4.44
N ASP A 460 16.85 9.04 3.61
CA ASP A 460 16.02 9.52 2.50
C ASP A 460 14.57 9.70 2.92
N GLY A 461 14.27 9.40 4.18
CA GLY A 461 12.96 9.70 4.75
C GLY A 461 12.00 8.53 4.77
N THR A 462 12.48 7.33 4.43
CA THR A 462 11.68 6.12 4.53
C THR A 462 11.95 5.45 5.89
N ASN A 463 10.89 5.33 6.70
CA ASN A 463 11.07 4.88 8.07
C ASN A 463 11.42 3.41 8.20
N VAL A 464 12.14 3.07 9.27
CA VAL A 464 12.64 1.70 9.45
C VAL A 464 12.47 1.23 10.89
N CYS A 465 12.07 -0.02 11.06
CA CYS A 465 12.04 -0.64 12.39
C CYS A 465 12.95 -1.87 12.37
N VAL A 466 13.70 -2.05 13.45
CA VAL A 466 14.53 -3.24 13.62
C VAL A 466 14.17 -3.87 14.96
N PHE A 467 13.65 -5.10 14.92
CA PHE A 467 13.23 -5.78 16.13
C PHE A 467 14.17 -6.94 16.43
N ALA A 468 14.44 -7.15 17.71
CA ALA A 468 15.08 -8.36 18.14
C ALA A 468 14.09 -9.08 19.05
N TYR A 469 13.78 -10.33 18.70
CA TYR A 469 12.71 -11.09 19.35
C TYR A 469 13.23 -12.47 19.78
N GLY A 470 12.72 -12.98 20.90
CA GLY A 470 13.03 -14.32 21.35
C GLY A 470 13.07 -14.40 22.86
N GLN A 471 13.29 -15.58 23.42
CA GLN A 471 13.28 -15.73 24.87
C GLN A 471 14.47 -15.05 25.56
N THR A 472 14.29 -14.70 26.82
CA THR A 472 15.38 -14.21 27.63
C THR A 472 16.53 -15.20 27.52
N GLY A 473 17.73 -14.70 27.26
CA GLY A 473 18.89 -15.55 27.10
C GLY A 473 19.21 -15.88 25.66
N SER A 474 18.31 -15.59 24.73
CA SER A 474 18.51 -15.97 23.33
C SER A 474 19.52 -15.08 22.61
N GLY A 475 19.73 -13.86 23.11
CA GLY A 475 20.76 -12.99 22.56
C GLY A 475 20.26 -11.73 21.87
N LYS A 476 19.06 -11.28 22.24
CA LYS A 476 18.48 -10.07 21.69
C LYS A 476 19.39 -8.86 21.94
N THR A 477 19.79 -8.66 23.19
CA THR A 477 20.56 -7.48 23.55
C THR A 477 22.00 -7.52 23.02
N PHE A 478 22.54 -8.72 22.95
CA PHE A 478 23.85 -8.93 22.33
C PHE A 478 23.80 -8.45 20.88
N THR A 479 22.72 -8.82 20.19
CA THR A 479 22.54 -8.46 18.78
C THR A 479 22.33 -6.96 18.60
N MET A 480 21.53 -6.36 19.46
CA MET A 480 21.11 -4.98 19.29
C MET A 480 22.03 -3.97 19.97
N SER A 481 22.70 -4.40 21.05
CA SER A 481 23.33 -3.43 21.96
C SER A 481 24.77 -3.71 22.37
N HIS A 482 25.40 -4.74 21.82
CA HIS A 482 26.81 -4.95 22.08
C HIS A 482 27.53 -3.63 21.84
N PRO A 483 28.35 -3.20 22.81
CA PRO A 483 28.83 -1.80 22.85
C PRO A 483 29.74 -1.43 21.66
N THR A 484 30.30 -2.42 20.99
CA THR A 484 31.15 -2.16 19.84
C THR A 484 30.44 -2.40 18.50
N ASN A 485 29.77 -3.53 18.37
CA ASN A 485 29.13 -3.87 17.10
C ASN A 485 27.67 -4.37 17.18
N GLY A 486 26.93 -3.95 18.20
CA GLY A 486 25.50 -4.17 18.20
C GLY A 486 24.86 -3.39 17.07
N MET A 487 23.60 -3.69 16.74
CA MET A 487 22.95 -2.98 15.62
C MET A 487 22.86 -1.48 15.91
N ILE A 488 22.68 -1.12 17.17
CA ILE A 488 22.56 0.29 17.54
C ILE A 488 23.85 1.09 17.29
N PRO A 489 24.95 0.68 17.93
CA PRO A 489 26.23 1.35 17.67
C PRO A 489 26.59 1.35 16.18
N LEU A 490 26.47 0.22 15.51
CA LEU A 490 26.81 0.20 14.08
C LEU A 490 25.91 1.13 13.25
N SER A 491 24.62 1.16 13.55
CA SER A 491 23.71 2.06 12.84
C SER A 491 24.13 3.51 13.02
N LEU A 492 24.45 3.88 14.26
CA LEU A 492 24.89 5.24 14.55
C LEU A 492 26.20 5.54 13.82
N LYS A 493 27.10 4.56 13.81
CA LYS A 493 28.35 4.72 13.08
C LYS A 493 28.10 4.98 11.59
N LYS A 494 27.22 4.16 11.00
CA LYS A 494 26.89 4.25 9.59
C LYS A 494 26.23 5.59 9.25
N ILE A 495 25.26 5.97 10.07
CA ILE A 495 24.56 7.23 9.88
C ILE A 495 25.51 8.41 9.78
N PHE A 496 26.50 8.47 10.67
CA PHE A 496 27.41 9.61 10.68
C PHE A 496 28.35 9.58 9.48
N ASN A 497 28.80 8.39 9.10
CA ASN A 497 29.60 8.24 7.88
CA ASN A 497 29.61 8.26 7.89
C ASN A 497 28.84 8.74 6.65
N ASP A 498 27.61 8.24 6.49
CA ASP A 498 26.80 8.63 5.35
C ASP A 498 26.45 10.13 5.34
N ILE A 499 26.15 10.68 6.51
CA ILE A 499 25.84 12.10 6.62
C ILE A 499 26.98 12.96 6.08
N GLU A 500 28.21 12.53 6.37
CA GLU A 500 29.40 13.28 5.97
C GLU A 500 29.53 13.23 4.46
N GLU A 501 29.31 12.06 3.87
CA GLU A 501 29.41 11.90 2.42
C GLU A 501 28.38 12.76 1.70
N LEU A 502 27.16 12.80 2.24
CA LEU A 502 26.07 13.54 1.61
C LEU A 502 26.25 15.07 1.66
N LYS A 503 27.19 15.56 2.47
CA LYS A 503 27.51 16.98 2.47
C LYS A 503 27.94 17.39 1.07
N GLU A 504 28.66 16.50 0.40
CA GLU A 504 29.18 16.77 -0.95
C GLU A 504 28.05 17.02 -1.95
N LYS A 505 26.86 16.54 -1.63
CA LYS A 505 25.71 16.67 -2.53
C LYS A 505 24.74 17.77 -2.04
N GLY A 506 25.20 18.56 -1.08
CA GLY A 506 24.41 19.68 -0.58
C GLY A 506 23.59 19.41 0.67
N TRP A 507 23.65 18.21 1.21
CA TRP A 507 22.84 17.87 2.37
C TRP A 507 23.46 18.27 3.70
N SER A 508 22.63 18.78 4.61
CA SER A 508 22.98 18.83 6.03
C SER A 508 21.87 18.18 6.87
N TYR A 509 22.27 17.42 7.88
CA TYR A 509 21.33 16.64 8.69
C TYR A 509 21.48 16.96 10.16
N THR A 510 20.39 16.86 10.90
CA THR A 510 20.44 16.83 12.35
C THR A 510 19.99 15.45 12.79
N VAL A 511 20.58 14.96 13.89
CA VAL A 511 20.23 13.64 14.42
C VAL A 511 19.79 13.74 15.86
N ARG A 512 18.55 13.34 16.12
CA ARG A 512 17.98 13.37 17.46
C ARG A 512 17.54 11.99 17.91
N GLY A 513 17.79 11.68 19.18
CA GLY A 513 17.41 10.39 19.72
C GLY A 513 16.44 10.47 20.89
N LYS A 514 15.63 9.43 21.02
CA LYS A 514 14.82 9.21 22.21
C LYS A 514 15.03 7.78 22.65
N PHE A 515 15.03 7.55 23.95
CA PHE A 515 15.20 6.21 24.48
C PHE A 515 14.08 5.95 25.49
N ILE A 516 13.13 5.10 25.11
CA ILE A 516 11.98 4.84 25.96
C ILE A 516 11.75 3.36 26.21
N GLU A 517 10.97 3.07 27.25
CA GLU A 517 10.67 1.71 27.66
C GLU A 517 9.17 1.54 27.82
N ILE A 518 8.65 0.41 27.34
CA ILE A 518 7.25 0.06 27.56
C ILE A 518 7.21 -1.13 28.51
N TYR A 519 6.68 -0.90 29.71
CA TYR A 519 6.52 -1.96 30.69
C TYR A 519 5.06 -2.03 31.11
N ASN A 520 4.49 -3.23 31.01
CA ASN A 520 3.06 -3.41 31.25
C ASN A 520 2.26 -2.23 30.70
N GLU A 521 2.56 -1.81 29.47
CA GLU A 521 1.73 -0.86 28.75
C GLU A 521 2.00 0.60 29.14
N ALA A 522 2.94 0.83 30.05
CA ALA A 522 3.29 2.19 30.46
C ALA A 522 4.61 2.64 29.84
N ILE A 523 4.67 3.89 29.41
CA ILE A 523 5.87 4.42 28.80
C ILE A 523 6.72 5.14 29.82
N VAL A 524 7.99 4.78 29.88
CA VAL A 524 8.96 5.47 30.72
C VAL A 524 10.05 6.10 29.86
N ASP A 525 10.26 7.39 30.03
CA ASP A 525 11.40 8.06 29.39
C ASP A 525 12.65 7.56 30.10
N LEU A 526 13.50 6.83 29.39
CA LEU A 526 14.71 6.27 29.99
C LEU A 526 15.84 7.29 30.08
N LEU A 527 15.64 8.48 29.51
CA LEU A 527 16.66 9.51 29.53
C LEU A 527 16.38 10.56 30.62
N ASN A 528 15.24 11.24 30.51
CA ASN A 528 14.81 12.19 31.53
C ASN A 528 13.49 11.77 32.16
N PRO A 529 13.58 10.94 33.22
CA PRO A 529 12.45 10.38 33.95
C PRO A 529 11.60 11.46 34.66
N LYS A 530 10.59 11.97 33.97
CA LYS A 530 9.74 13.04 34.50
C LYS A 530 9.30 12.75 35.93
N ILE A 531 9.34 13.78 36.77
CA ILE A 531 9.15 13.62 38.21
C ILE A 531 7.71 13.79 38.70
N ASP A 532 6.91 14.57 37.97
CA ASP A 532 5.51 14.76 38.31
C ASP A 532 4.76 13.42 38.21
N PRO A 533 4.16 12.96 39.32
CA PRO A 533 3.53 11.63 39.33
C PRO A 533 2.39 11.51 38.33
N ASN A 534 1.71 12.61 38.04
CA ASN A 534 0.61 12.59 37.08
C ASN A 534 1.08 12.80 35.65
N THR A 535 2.38 12.93 35.45
CA THR A 535 2.94 13.22 34.13
C THR A 535 2.53 12.16 33.13
N LYS A 536 1.95 12.60 32.02
CA LYS A 536 1.42 11.67 31.03
C LYS A 536 2.37 11.53 29.85
N TYR A 537 2.48 10.31 29.34
CA TYR A 537 3.24 10.05 28.13
C TYR A 537 2.28 9.57 27.06
N GLU A 538 1.65 10.53 26.38
CA GLU A 538 0.68 10.20 25.36
C GLU A 538 1.34 10.13 23.99
N ILE A 539 1.03 9.06 23.26
CA ILE A 539 1.46 8.90 21.88
C ILE A 539 0.53 9.73 21.00
N LYS A 540 1.09 10.72 20.32
CA LYS A 540 0.28 11.63 19.48
C LYS A 540 0.75 11.63 18.03
N HIS A 541 -0.08 11.13 17.13
CA HIS A 541 0.25 11.03 15.71
C HIS A 541 -0.18 12.25 14.92
N ASP A 542 0.64 12.62 13.94
CA ASP A 542 0.23 13.53 12.88
C ASP A 542 0.01 12.68 11.63
N ASP A 543 -1.22 12.26 11.41
CA ASP A 543 -1.55 11.41 10.28
C ASP A 543 -1.44 12.11 8.93
N ILE A 544 -1.16 13.42 8.94
CA ILE A 544 -0.95 14.15 7.70
C ILE A 544 0.51 14.01 7.26
N ALA A 545 1.43 14.40 8.14
CA ALA A 545 2.85 14.33 7.83
C ALA A 545 3.42 12.93 8.09
N GLY A 546 2.64 12.10 8.78
CA GLY A 546 3.08 10.77 9.13
C GLY A 546 4.16 10.82 10.18
N LYS A 547 3.98 11.71 11.15
CA LYS A 547 4.94 11.90 12.24
C LYS A 547 4.31 11.54 13.58
N THR A 548 5.16 11.26 14.55
CA THR A 548 4.70 10.82 15.86
C THR A 548 5.57 11.42 16.94
N THR A 549 4.95 11.89 18.02
CA THR A 549 5.68 12.30 19.21
C THR A 549 5.03 11.72 20.45
N VAL A 550 5.82 11.50 21.49
CA VAL A 550 5.28 11.06 22.77
C VAL A 550 5.42 12.22 23.77
N THR A 551 4.28 12.77 24.18
CA THR A 551 4.28 13.92 25.08
C THR A 551 5.21 13.73 26.26
N ASN A 552 6.12 14.68 26.46
CA ASN A 552 6.96 14.74 27.65
C ASN A 552 8.18 13.83 27.67
N VAL A 553 8.41 13.11 26.58
CA VAL A 553 9.63 12.32 26.49
C VAL A 553 10.77 13.24 26.04
N SER A 554 11.92 13.14 26.70
CA SER A 554 13.04 14.03 26.39
C SER A 554 13.85 13.55 25.19
N THR A 555 14.29 14.49 24.37
CA THR A 555 15.09 14.21 23.19
C THR A 555 16.49 14.78 23.33
N ILE A 556 17.49 14.01 22.93
CA ILE A 556 18.87 14.50 22.94
C ILE A 556 19.36 14.74 21.53
N ASP A 557 20.09 15.84 21.33
CA ASP A 557 20.73 16.09 20.05
C ASP A 557 22.02 15.30 19.96
N ILE A 558 22.08 14.37 19.01
CA ILE A 558 23.24 13.48 18.89
C ILE A 558 24.33 14.12 18.03
N LYS A 559 25.51 14.35 18.64
CA LYS A 559 26.63 14.98 17.94
C LYS A 559 27.65 13.93 17.50
N SER A 560 27.57 12.73 18.07
CA SER A 560 28.46 11.65 17.67
C SER A 560 27.90 10.31 18.12
N PRO A 561 28.26 9.23 17.42
CA PRO A 561 27.86 7.90 17.87
C PRO A 561 28.35 7.66 19.30
N GLU A 562 29.63 7.89 19.54
CA GLU A 562 30.24 7.71 20.85
C GLU A 562 29.44 8.41 21.94
N GLN A 563 28.98 9.62 21.66
CA GLN A 563 28.16 10.35 22.62
C GLN A 563 26.85 9.64 22.94
N ALA A 564 26.12 9.25 21.91
CA ALA A 564 24.83 8.60 22.10
C ALA A 564 25.00 7.28 22.85
N ILE A 565 26.01 6.51 22.46
CA ILE A 565 26.30 5.24 23.11
C ILE A 565 26.54 5.42 24.61
N THR A 566 27.20 6.52 24.97
CA THR A 566 27.47 6.81 26.38
C THR A 566 26.19 7.11 27.14
N ILE A 567 25.38 8.01 26.59
CA ILE A 567 24.10 8.33 27.20
C ILE A 567 23.25 7.08 27.42
N LEU A 568 23.16 6.25 26.38
CA LEU A 568 22.37 5.03 26.45
C LEU A 568 22.92 4.04 27.48
N ASN A 569 24.25 3.94 27.57
CA ASN A 569 24.87 3.09 28.57
C ASN A 569 24.45 3.51 29.97
N GLN A 570 24.47 4.82 30.21
CA GLN A 570 24.11 5.37 31.50
C GLN A 570 22.62 5.25 31.78
N ALA A 571 21.80 5.59 30.79
CA ALA A 571 20.35 5.49 30.91
C ALA A 571 19.96 4.07 31.32
N ASN A 572 20.70 3.09 30.82
CA ASN A 572 20.48 1.71 31.20
C ASN A 572 20.78 1.47 32.67
N LYS A 573 21.91 1.99 33.15
CA LYS A 573 22.24 1.95 34.56
C LYS A 573 20.98 2.25 35.38
N LYS A 574 20.17 1.22 35.60
CA LYS A 574 18.90 1.36 36.31
C LYS A 574 18.25 0.01 36.54
N HIS A 585 14.47 -6.43 35.26
CA HIS A 585 13.33 -5.71 34.69
C HIS A 585 13.40 -5.60 33.16
N SER A 586 14.59 -5.27 32.64
CA SER A 586 14.75 -5.09 31.20
C SER A 586 14.26 -6.29 30.40
N SER A 587 14.40 -7.48 30.97
CA SER A 587 13.99 -8.71 30.29
C SER A 587 12.47 -8.85 30.19
N ARG A 588 11.73 -7.99 30.88
CA ARG A 588 10.27 -8.07 30.89
C ARG A 588 9.61 -6.84 30.30
N SER A 589 10.39 -6.09 29.52
CA SER A 589 9.88 -4.86 28.91
C SER A 589 10.52 -4.62 27.55
N HIS A 590 9.89 -3.78 26.74
CA HIS A 590 10.43 -3.36 25.45
C HIS A 590 11.32 -2.14 25.62
N SER A 591 12.45 -2.14 24.94
CA SER A 591 13.38 -1.02 24.95
C SER A 591 13.45 -0.48 23.53
N ILE A 592 13.06 0.78 23.36
CA ILE A 592 13.02 1.37 22.03
C ILE A 592 13.91 2.60 21.92
N PHE A 593 14.88 2.53 21.03
CA PHE A 593 15.75 3.66 20.72
C PHE A 593 15.31 4.27 19.39
N ILE A 594 14.91 5.53 19.42
CA ILE A 594 14.34 6.18 18.24
C ILE A 594 15.24 7.30 17.72
N ILE A 595 15.77 7.09 16.53
CA ILE A 595 16.64 8.08 15.88
C ILE A 595 15.86 8.81 14.80
N ASP A 596 15.70 10.12 14.97
CA ASP A 596 15.07 10.97 13.96
C ASP A 596 16.15 11.64 13.12
N LEU A 597 16.04 11.47 11.80
CA LEU A 597 16.99 12.07 10.88
C LEU A 597 16.31 13.16 10.05
N GLN A 598 16.76 14.39 10.22
CA GLN A 598 16.18 15.49 9.46
C GLN A 598 17.21 16.16 8.56
N GLY A 599 16.95 16.13 7.26
CA GLY A 599 17.86 16.70 6.29
C GLY A 599 17.27 17.89 5.56
N TYR A 600 18.16 18.80 5.18
CA TYR A 600 17.79 19.87 4.27
C TYR A 600 18.91 20.04 3.24
N ASN A 601 18.54 20.12 1.97
CA ASN A 601 19.53 20.32 0.91
C ASN A 601 19.53 21.75 0.40
N SER A 602 20.64 22.45 0.62
CA SER A 602 20.75 23.87 0.28
C SER A 602 20.82 24.15 -1.22
N LEU A 603 21.06 23.12 -2.02
CA LEU A 603 21.18 23.29 -3.46
C LEU A 603 19.84 23.07 -4.16
N THR A 604 19.09 22.08 -3.66
CA THR A 604 17.82 21.72 -4.27
C THR A 604 16.67 22.26 -3.45
N LYS A 605 16.99 22.78 -2.26
CA LYS A 605 15.96 23.30 -1.36
C LYS A 605 15.03 22.20 -0.84
N GLU A 606 15.35 20.95 -1.14
CA GLU A 606 14.55 19.81 -0.69
C GLU A 606 14.71 19.51 0.80
N SER A 607 13.75 18.77 1.34
CA SER A 607 13.76 18.37 2.74
C SER A 607 13.58 16.86 2.86
N SER A 608 13.89 16.33 4.04
CA SER A 608 13.66 14.94 4.33
C SER A 608 13.49 14.72 5.83
N TYR A 609 12.63 13.78 6.19
CA TYR A 609 12.48 13.42 7.58
C TYR A 609 12.31 11.92 7.67
N GLY A 610 13.27 11.26 8.30
CA GLY A 610 13.21 9.81 8.40
C GLY A 610 13.53 9.31 9.79
N THR A 611 12.99 8.16 10.12
CA THR A 611 13.14 7.63 11.47
C THR A 611 13.66 6.21 11.42
N LEU A 612 14.64 5.93 12.28
CA LEU A 612 15.13 4.57 12.45
C LEU A 612 14.80 4.14 13.88
N ASN A 613 13.97 3.11 14.03
CA ASN A 613 13.60 2.57 15.32
C ASN A 613 14.29 1.25 15.59
N LEU A 614 14.99 1.19 16.71
CA LEU A 614 15.71 -0.02 17.09
C LEU A 614 15.09 -0.56 18.37
N ILE A 615 14.56 -1.77 18.29
CA ILE A 615 13.72 -2.30 19.37
C ILE A 615 14.25 -3.61 19.95
N ASP A 616 14.51 -3.61 21.24
CA ASP A 616 14.91 -4.81 21.97
C ASP A 616 13.69 -5.28 22.75
N LEU A 617 13.05 -6.35 22.29
CA LEU A 617 11.74 -6.74 22.84
C LEU A 617 11.84 -7.46 24.18
N ALA A 618 10.74 -7.45 24.93
CA ALA A 618 10.62 -8.22 26.16
C ALA A 618 10.74 -9.69 25.79
N GLY A 619 11.31 -10.48 26.70
CA GLY A 619 11.44 -11.90 26.48
C GLY A 619 10.09 -12.53 26.18
N SER A 620 10.09 -13.54 25.32
CA SER A 620 8.85 -14.13 24.85
C SER A 620 8.47 -15.42 25.57
N GLU A 621 9.28 -15.83 26.56
CA GLU A 621 9.06 -17.13 27.19
C GLU A 621 7.75 -17.18 27.97
N ARG A 622 7.18 -18.38 28.06
CA ARG A 622 5.86 -18.59 28.68
C ARG A 622 5.91 -18.59 30.20
N ARG A 632 3.84 -11.16 38.36
CA ARG A 632 4.57 -11.86 37.31
C ARG A 632 3.62 -12.45 36.29
N LEU A 633 2.38 -12.70 36.70
CA LEU A 633 1.36 -13.10 35.73
C LEU A 633 0.90 -11.88 34.96
N LYS A 634 0.87 -10.73 35.63
CA LYS A 634 0.57 -9.46 34.98
C LYS A 634 1.57 -9.21 33.87
N GLU A 635 2.85 -9.28 34.20
CA GLU A 635 3.92 -9.16 33.20
C GLU A 635 3.64 -10.10 32.05
N THR A 636 3.57 -11.39 32.38
CA THR A 636 3.32 -12.42 31.39
C THR A 636 2.11 -12.13 30.51
N GLN A 637 0.97 -11.79 31.12
CA GLN A 637 -0.21 -11.46 30.34
C GLN A 637 0.09 -10.31 29.38
N ALA A 638 0.73 -9.27 29.90
CA ALA A 638 0.95 -8.05 29.11
C ALA A 638 1.87 -8.33 27.93
N ILE A 639 2.96 -9.04 28.19
CA ILE A 639 3.91 -9.35 27.14
C ILE A 639 3.26 -10.15 26.03
N ASN A 640 2.54 -11.22 26.39
CA ASN A 640 1.87 -12.05 25.40
C ASN A 640 0.94 -11.23 24.52
N LYS A 641 0.16 -10.35 25.14
CA LYS A 641 -0.75 -9.51 24.39
C LYS A 641 0.01 -8.58 23.45
N SER A 642 1.08 -7.98 23.97
CA SER A 642 1.90 -7.07 23.18
C SER A 642 2.53 -7.79 21.99
N LEU A 643 3.21 -8.90 22.26
CA LEU A 643 3.93 -9.62 21.21
C LEU A 643 2.97 -10.16 20.17
N SER A 644 1.84 -10.68 20.63
CA SER A 644 0.82 -11.21 19.74
C SER A 644 0.26 -10.11 18.84
N CYS A 645 0.03 -8.93 19.42
CA CYS A 645 -0.43 -7.81 18.60
C CYS A 645 0.64 -7.40 17.57
N LEU A 646 1.89 -7.33 18.00
CA LEU A 646 2.98 -7.04 17.07
C LEU A 646 2.93 -7.96 15.86
N GLY A 647 2.74 -9.26 16.11
CA GLY A 647 2.61 -10.24 15.05
C GLY A 647 1.38 -10.08 14.19
N ASP A 648 0.25 -9.77 14.82
CA ASP A 648 -0.97 -9.46 14.07
C ASP A 648 -0.73 -8.32 13.10
N VAL A 649 -0.05 -7.29 13.58
CA VAL A 649 0.15 -6.09 12.79
C VAL A 649 1.09 -6.32 11.61
N ILE A 650 2.21 -6.98 11.88
CA ILE A 650 3.18 -7.26 10.83
C ILE A 650 2.59 -8.16 9.76
N HIS A 651 1.84 -9.18 10.18
CA HIS A 651 1.23 -10.12 9.26
C HIS A 651 0.30 -9.41 8.28
N SER A 652 -0.62 -8.62 8.81
CA SER A 652 -1.56 -7.87 7.99
C SER A 652 -0.84 -6.97 6.99
N LEU A 653 0.15 -6.24 7.47
CA LEU A 653 0.96 -5.38 6.62
C LEU A 653 1.58 -6.15 5.45
N ASN A 654 1.98 -7.39 5.70
CA ASN A 654 2.62 -8.22 4.68
C ASN A 654 1.68 -8.67 3.58
N LEU A 655 0.41 -8.82 3.92
CA LEU A 655 -0.63 -9.17 2.95
C LEU A 655 -0.82 -8.07 1.91
N LYS A 656 -0.37 -6.85 2.24
CA LYS A 656 -0.44 -5.71 1.34
C LYS A 656 -1.74 -5.71 0.53
N ASP A 657 -2.84 -6.15 1.14
CA ASP A 657 -4.10 -6.21 0.41
C ASP A 657 -5.18 -5.34 1.04
N GLY A 658 -4.83 -4.61 2.09
CA GLY A 658 -5.75 -3.68 2.73
C GLY A 658 -6.53 -4.25 3.89
N SER A 659 -6.11 -5.42 4.38
CA SER A 659 -6.70 -6.00 5.59
C SER A 659 -6.52 -5.01 6.75
N HIS A 660 -7.37 -5.15 7.77
CA HIS A 660 -7.29 -4.27 8.93
C HIS A 660 -5.96 -4.41 9.67
N VAL A 661 -5.34 -3.27 9.98
CA VAL A 661 -4.09 -3.23 10.73
C VAL A 661 -4.32 -2.61 12.11
N PRO A 662 -4.38 -3.45 13.15
CA PRO A 662 -4.82 -3.02 14.50
C PRO A 662 -3.71 -2.39 15.36
N TYR A 663 -3.17 -1.26 14.92
CA TYR A 663 -2.12 -0.56 15.65
C TYR A 663 -2.52 -0.22 17.09
N ARG A 664 -3.78 0.17 17.29
CA ARG A 664 -4.27 0.60 18.61
C ARG A 664 -4.07 -0.45 19.69
N ASN A 665 -4.02 -1.71 19.29
CA ASN A 665 -4.08 -2.81 20.26
C ASN A 665 -2.91 -2.95 21.21
N SER A 666 -1.84 -2.21 20.97
CA SER A 666 -0.72 -2.24 21.90
C SER A 666 0.04 -0.93 21.80
N LYS A 667 0.66 -0.54 22.90
CA LYS A 667 1.42 0.70 22.92
C LYS A 667 2.58 0.62 21.95
N LEU A 668 3.20 -0.56 21.86
CA LEU A 668 4.34 -0.78 20.95
C LEU A 668 3.97 -0.48 19.50
N THR A 669 2.92 -1.13 19.00
CA THR A 669 2.52 -0.96 17.61
C THR A 669 1.93 0.42 17.37
N TYR A 670 1.24 0.96 18.36
CA TYR A 670 0.65 2.28 18.20
C TYR A 670 1.77 3.31 18.12
N LEU A 671 2.78 3.13 18.96
CA LEU A 671 3.94 4.01 18.96
C LEU A 671 4.64 4.04 17.61
N LEU A 672 4.79 2.85 17.01
CA LEU A 672 5.57 2.68 15.80
C LEU A 672 4.72 2.72 14.53
N LYS A 673 3.47 3.10 14.66
CA LYS A 673 2.55 3.08 13.53
C LYS A 673 3.14 3.61 12.22
N HIS A 674 3.71 4.80 12.25
CA HIS A 674 4.16 5.46 11.02
C HIS A 674 5.54 5.00 10.54
N SER A 675 6.15 4.10 11.29
CA SER A 675 7.37 3.44 10.85
C SER A 675 7.12 1.97 10.53
N LEU A 676 5.86 1.56 10.56
CA LEU A 676 5.49 0.21 10.20
C LEU A 676 4.70 0.18 8.89
N GLY A 677 3.76 1.12 8.73
CA GLY A 677 2.93 1.17 7.55
C GLY A 677 3.54 1.99 6.42
N GLY A 678 2.73 2.32 5.43
CA GLY A 678 3.22 3.02 4.26
C GLY A 678 4.21 2.13 3.53
N ASN A 679 5.31 2.74 3.05
CA ASN A 679 6.37 1.98 2.41
C ASN A 679 7.57 1.81 3.33
N SER A 680 7.32 1.96 4.63
CA SER A 680 8.33 1.70 5.66
C SER A 680 8.90 0.31 5.52
N LYS A 681 10.11 0.11 6.05
CA LYS A 681 10.78 -1.18 5.99
C LYS A 681 10.98 -1.74 7.40
N THR A 682 10.75 -3.03 7.56
CA THR A 682 10.92 -3.66 8.85
C THR A 682 11.89 -4.82 8.79
N LEU A 683 12.72 -4.93 9.82
CA LEU A 683 13.66 -6.03 9.95
C LEU A 683 13.40 -6.71 11.30
N MET A 684 13.21 -8.01 11.26
CA MET A 684 12.90 -8.79 12.45
C MET A 684 13.96 -9.88 12.67
N PHE A 685 14.79 -9.70 13.70
CA PHE A 685 15.70 -10.75 14.14
C PHE A 685 15.00 -11.65 15.14
N VAL A 686 14.86 -12.94 14.80
CA VAL A 686 14.32 -13.90 15.73
C VAL A 686 15.48 -14.67 16.35
N ASN A 687 15.81 -14.34 17.59
CA ASN A 687 16.93 -14.97 18.29
C ASN A 687 16.53 -16.23 19.00
N ILE A 688 17.32 -17.29 18.83
CA ILE A 688 17.03 -18.56 19.48
C ILE A 688 18.26 -19.21 20.13
N SER A 689 18.00 -19.95 21.21
CA SER A 689 19.03 -20.74 21.87
C SER A 689 19.27 -22.05 21.13
N PRO A 690 20.53 -22.51 21.07
CA PRO A 690 20.84 -23.77 20.39
C PRO A 690 20.74 -24.97 21.34
N LEU A 691 20.30 -24.72 22.57
CA LEU A 691 20.27 -25.77 23.59
C LEU A 691 19.02 -26.63 23.53
N THR A 692 19.20 -27.94 23.59
CA THR A 692 18.08 -28.87 23.60
C THR A 692 17.03 -28.47 24.65
N LYS A 693 17.51 -28.03 25.81
CA LYS A 693 16.63 -27.69 26.92
C LYS A 693 15.66 -26.54 26.61
N ASP A 694 16.02 -25.71 25.64
CA ASP A 694 15.21 -24.53 25.29
C ASP A 694 14.36 -24.79 24.06
N LEU A 695 14.27 -26.07 23.67
CA LEU A 695 13.63 -26.46 22.43
C LEU A 695 12.18 -25.99 22.30
N ASN A 696 11.42 -26.05 23.37
CA ASN A 696 10.03 -25.63 23.29
C ASN A 696 9.86 -24.13 23.07
N GLU A 697 10.68 -23.31 23.72
CA GLU A 697 10.61 -21.87 23.51
C GLU A 697 11.18 -21.49 22.14
N THR A 698 12.16 -22.26 21.67
CA THR A 698 12.72 -22.07 20.33
C THR A 698 11.65 -22.29 19.27
N ILE A 699 10.87 -23.36 19.42
CA ILE A 699 9.80 -23.68 18.50
C ILE A 699 8.70 -22.61 18.49
N ASN A 700 8.32 -22.13 19.68
CA ASN A 700 7.41 -21.00 19.78
C ASN A 700 7.96 -19.79 19.02
N SER A 701 9.22 -19.45 19.26
CA SER A 701 9.83 -18.31 18.59
C SER A 701 9.79 -18.49 17.08
N LEU A 702 10.14 -19.68 16.62
CA LEU A 702 10.19 -19.96 15.19
C LEU A 702 8.81 -19.89 14.54
N ARG A 703 7.79 -20.32 15.27
CA ARG A 703 6.42 -20.26 14.78
C ARG A 703 5.94 -18.81 14.68
N PHE A 704 6.29 -17.98 15.66
CA PHE A 704 6.04 -16.54 15.55
C PHE A 704 6.66 -16.00 14.27
N ALA A 705 7.86 -16.49 13.96
CA ALA A 705 8.63 -15.99 12.82
C ALA A 705 7.93 -16.25 11.49
N THR A 706 7.36 -17.43 11.32
CA THR A 706 6.75 -17.76 10.05
C THR A 706 5.43 -17.03 9.88
N LYS A 707 4.85 -16.62 11.00
CA LYS A 707 3.64 -15.82 10.98
CA LYS A 707 3.64 -15.82 10.98
C LYS A 707 3.91 -14.42 10.44
N VAL A 708 5.05 -13.85 10.83
CA VAL A 708 5.37 -12.48 10.42
C VAL A 708 6.07 -12.41 9.06
N ASN A 709 6.69 -13.51 8.65
CA ASN A 709 7.35 -13.55 7.35
C ASN A 709 6.40 -13.87 6.21
N ASN A 710 5.16 -14.21 6.56
CA ASN A 710 4.16 -14.59 5.56
C ASN A 710 4.65 -15.79 4.72
#